data_1OMO
#
_entry.id   1OMO
#
_cell.length_a   108.7
_cell.length_b   55.5
_cell.length_c   131.3
_cell.angle_alpha   90
_cell.angle_beta   111.1
_cell.angle_gamma   90
#
_symmetry.space_group_name_H-M   'C 1 2 1'
#
loop_
_entity.id
_entity.type
_entity.pdbx_description
1 polymer 'alanine dehydrogenase'
2 non-polymer 'SODIUM ION'
3 non-polymer NICOTINAMIDE-ADENINE-DINUCLEOTIDE
4 water water
#
_entity_poly.entity_id   1
_entity_poly.type   'polypeptide(L)'
_entity_poly.pdbx_seq_one_letter_code
;METLILTQEEVESLISMDEAMNAVEEAFRLYALGKAQMPPKVYLEFEKGDLRAMPAHLMGYAGLKWVNSHPGNPDKGLPT
VMALMILNSPETGFPLAVMDATYTTSLRTGAAGGIAAKYLARKNSSVFGFIGCGTQAYFQLEALRRVFDIGEVKAYDVRE
KAAKKFVSYCEDRGISASVQPAEEASRCDVLVTTTPSRKPVVKAEWVEEGTHINAIGADGPGKQELDVEILKKAKIVVDD
LEQAKHGGEINVAVSKGVIGVEDVHATIGEVIAGLKDGRESDEEITIFDSTGLAIQDVAVAKVVYENALSKNVGSKIKFF
RI
;
_entity_poly.pdbx_strand_id   A,B
#
# COMPACT_ATOMS: atom_id res chain seq x y z
N MET A 1 -17.56 -11.31 12.31
CA MET A 1 -16.07 -11.33 12.11
C MET A 1 -15.43 -10.29 13.00
N GLU A 2 -14.26 -10.62 13.54
CA GLU A 2 -13.57 -9.69 14.43
C GLU A 2 -12.16 -9.41 14.01
N THR A 3 -11.77 -8.14 14.07
CA THR A 3 -10.39 -7.77 13.77
C THR A 3 -9.74 -7.39 15.12
N LEU A 4 -8.57 -7.96 15.39
CA LEU A 4 -7.83 -7.71 16.62
C LEU A 4 -7.06 -6.37 16.48
N ILE A 5 -7.10 -5.54 17.51
CA ILE A 5 -6.39 -4.25 17.52
C ILE A 5 -5.26 -4.36 18.54
N LEU A 6 -4.02 -4.13 18.09
CA LEU A 6 -2.86 -4.21 18.98
C LEU A 6 -2.07 -2.91 19.05
N THR A 7 -1.90 -2.46 20.28
CA THR A 7 -1.18 -1.23 20.60
C THR A 7 0.33 -1.45 20.67
N GLN A 8 1.12 -0.38 20.62
CA GLN A 8 2.56 -0.55 20.70
C GLN A 8 2.95 -1.23 22.01
N GLU A 9 2.38 -0.80 23.12
CA GLU A 9 2.68 -1.39 24.41
C GLU A 9 2.37 -2.89 24.38
N GLU A 10 1.25 -3.26 23.76
CA GLU A 10 0.88 -4.67 23.68
C GLU A 10 1.85 -5.42 22.80
N VAL A 11 2.08 -4.92 21.58
CA VAL A 11 3.00 -5.60 20.67
C VAL A 11 4.39 -5.83 21.29
N GLU A 12 4.90 -4.86 22.06
CA GLU A 12 6.20 -4.96 22.73
C GLU A 12 6.31 -6.16 23.63
N SER A 13 5.18 -6.60 24.18
CA SER A 13 5.20 -7.75 25.05
C SER A 13 4.84 -9.03 24.30
N LEU A 14 4.80 -8.98 22.97
CA LEU A 14 4.40 -10.15 22.18
C LEU A 14 5.45 -10.81 21.29
N ILE A 15 6.68 -10.28 21.28
CA ILE A 15 7.75 -10.87 20.49
C ILE A 15 9.05 -10.71 21.22
N SER A 16 9.90 -11.69 21.00
CA SER A 16 11.23 -11.78 21.57
C SER A 16 12.22 -11.39 20.47
N MET A 17 13.39 -10.88 20.83
CA MET A 17 14.36 -10.54 19.82
C MET A 17 14.73 -11.84 19.14
N ASP A 18 14.76 -12.92 19.92
CA ASP A 18 15.07 -14.23 19.34
C ASP A 18 13.96 -14.64 18.39
N GLU A 19 12.70 -14.46 18.78
CA GLU A 19 11.61 -14.83 17.88
C GLU A 19 11.76 -14.01 16.60
N ALA A 20 12.03 -12.71 16.77
CA ALA A 20 12.19 -11.80 15.64
C ALA A 20 13.31 -12.27 14.74
N MET A 21 14.42 -12.71 15.35
CA MET A 21 15.57 -13.19 14.58
C MET A 21 15.27 -14.44 13.77
N ASN A 22 14.52 -15.36 14.36
CA ASN A 22 14.18 -16.58 13.65
C ASN A 22 13.27 -16.30 12.47
N ALA A 23 12.31 -15.40 12.68
CA ALA A 23 11.34 -15.02 11.67
C ALA A 23 11.98 -14.29 10.51
N VAL A 24 12.88 -13.36 10.81
CA VAL A 24 13.54 -12.60 9.77
C VAL A 24 14.47 -13.48 8.95
N GLU A 25 15.13 -14.43 9.61
CA GLU A 25 16.02 -15.34 8.91
C GLU A 25 15.24 -16.22 7.91
N GLU A 26 14.13 -16.79 8.39
CA GLU A 26 13.30 -17.65 7.52
C GLU A 26 12.68 -16.80 6.38
N ALA A 27 12.29 -15.57 6.68
CA ALA A 27 11.73 -14.68 5.67
C ALA A 27 12.76 -14.50 4.57
N PHE A 28 14.00 -14.21 4.92
CA PHE A 28 15.01 -14.04 3.87
C PHE A 28 15.17 -15.34 3.08
N ARG A 29 15.25 -16.46 3.79
CA ARG A 29 15.41 -17.76 3.14
C ARG A 29 14.24 -17.98 2.14
N LEU A 30 13.00 -17.85 2.62
CA LEU A 30 11.83 -18.04 1.74
C LEU A 30 11.82 -17.11 0.51
N TYR A 31 12.10 -15.82 0.69
CA TYR A 31 12.06 -14.92 -0.45
C TYR A 31 13.10 -15.30 -1.49
N ALA A 32 14.28 -15.71 -1.05
CA ALA A 32 15.30 -16.08 -2.01
C ALA A 32 14.89 -17.38 -2.75
N LEU A 33 14.05 -18.21 -2.13
CA LEU A 33 13.59 -19.44 -2.79
C LEU A 33 12.25 -19.23 -3.53
N GLY A 34 11.85 -17.97 -3.69
CA GLY A 34 10.62 -17.67 -4.38
C GLY A 34 9.37 -18.02 -3.61
N LYS A 35 9.48 -18.48 -2.37
CA LYS A 35 8.28 -18.82 -1.61
C LYS A 35 7.67 -17.63 -0.84
N ALA A 36 7.98 -16.42 -1.27
CA ALA A 36 7.42 -15.21 -0.66
C ALA A 36 7.16 -14.23 -1.80
N GLN A 37 6.17 -13.40 -1.60
CA GLN A 37 5.84 -12.44 -2.63
C GLN A 37 6.06 -11.04 -2.02
N MET A 38 6.68 -10.13 -2.77
CA MET A 38 6.91 -8.79 -2.24
C MET A 38 7.08 -7.71 -3.29
N PRO A 39 6.08 -6.83 -3.43
CA PRO A 39 6.19 -5.75 -4.41
C PRO A 39 7.10 -4.67 -3.86
N PRO A 40 7.58 -3.79 -4.74
CA PRO A 40 8.46 -2.67 -4.36
C PRO A 40 7.66 -1.77 -3.39
N LYS A 41 8.35 -1.01 -2.54
CA LYS A 41 7.66 -0.11 -1.63
C LYS A 41 7.04 1.02 -2.45
N VAL A 42 5.93 1.57 -1.98
CA VAL A 42 5.30 2.67 -2.72
C VAL A 42 5.42 3.90 -1.87
N TYR A 43 5.89 4.98 -2.49
CA TYR A 43 6.08 6.23 -1.78
C TYR A 43 5.05 7.27 -2.15
N LEU A 44 4.69 8.06 -1.16
CA LEU A 44 3.76 9.16 -1.32
C LEU A 44 4.63 10.24 -0.71
N GLU A 45 5.23 11.10 -1.53
CA GLU A 45 6.10 12.14 -1.00
C GLU A 45 5.34 13.38 -0.61
N PHE A 46 5.67 13.95 0.54
CA PHE A 46 5.02 15.16 1.00
C PHE A 46 6.13 16.22 1.11
N GLU A 47 5.75 17.48 1.44
CA GLU A 47 6.80 18.48 1.53
C GLU A 47 7.54 18.38 2.86
N LYS A 48 6.80 18.04 3.91
CA LYS A 48 7.36 17.86 5.24
C LYS A 48 7.69 16.39 5.60
N GLY A 49 7.83 15.50 4.61
CA GLY A 49 8.10 14.11 4.92
C GLY A 49 7.40 13.19 3.93
N ASP A 50 7.15 11.94 4.31
CA ASP A 50 6.48 10.96 3.44
C ASP A 50 5.81 9.74 4.12
N LEU A 51 5.15 8.93 3.31
CA LEU A 51 4.46 7.71 3.75
C LEU A 51 4.84 6.61 2.74
N ARG A 52 4.97 5.39 3.22
CA ARG A 52 5.36 4.25 2.39
C ARG A 52 4.47 3.07 2.66
N ALA A 53 4.10 2.35 1.62
CA ALA A 53 3.26 1.16 1.70
C ALA A 53 4.21 -0.01 1.45
N MET A 54 4.20 -0.99 2.34
CA MET A 54 5.08 -2.14 2.19
C MET A 54 4.29 -3.44 2.33
N PRO A 55 3.72 -3.96 1.23
CA PRO A 55 2.94 -5.21 1.30
C PRO A 55 3.79 -6.46 1.07
N ALA A 56 3.37 -7.58 1.65
CA ALA A 56 4.11 -8.83 1.48
C ALA A 56 3.28 -10.06 1.83
N HIS A 57 3.63 -11.19 1.24
CA HIS A 57 2.95 -12.43 1.50
C HIS A 57 3.98 -13.56 1.69
N LEU A 58 3.87 -14.27 2.82
CA LEU A 58 4.73 -15.44 3.12
C LEU A 58 4.34 -16.04 4.47
N MET A 59 4.89 -17.22 4.74
CA MET A 59 4.61 -17.89 6.00
C MET A 59 3.14 -18.03 6.29
N GLY A 60 2.32 -17.99 5.25
CA GLY A 60 0.90 -18.16 5.45
C GLY A 60 0.07 -16.93 5.71
N TYR A 61 0.69 -15.76 5.72
CA TYR A 61 -0.05 -14.52 5.94
C TYR A 61 0.21 -13.50 4.87
N ALA A 62 -0.61 -12.47 4.86
CA ALA A 62 -0.41 -11.39 3.93
C ALA A 62 -0.64 -10.16 4.79
N GLY A 63 -0.03 -9.05 4.41
CA GLY A 63 -0.22 -7.83 5.19
C GLY A 63 0.35 -6.61 4.51
N LEU A 64 0.00 -5.43 5.01
CA LEU A 64 0.54 -4.21 4.44
C LEU A 64 0.98 -3.27 5.55
N LYS A 65 2.23 -2.80 5.51
CA LYS A 65 2.68 -1.85 6.51
C LYS A 65 2.63 -0.48 5.85
N TRP A 66 2.11 0.51 6.58
CA TRP A 66 1.98 1.88 6.11
C TRP A 66 2.71 2.76 7.14
N VAL A 67 3.94 3.15 6.78
CA VAL A 67 4.87 3.94 7.63
C VAL A 67 5.13 5.34 7.12
N ASN A 68 5.34 6.27 8.03
CA ASN A 68 5.62 7.64 7.64
C ASN A 68 7.00 8.08 8.19
N SER A 69 7.48 9.21 7.70
CA SER A 69 8.76 9.74 8.17
C SER A 69 8.71 11.26 8.12
N HIS A 70 8.37 11.88 9.25
CA HIS A 70 8.30 13.33 9.36
C HIS A 70 9.25 13.96 10.45
N PRO A 71 10.49 14.29 10.04
CA PRO A 71 11.58 14.90 10.83
C PRO A 71 11.11 16.01 11.77
N GLY A 72 10.32 16.93 11.24
CA GLY A 72 9.82 18.02 12.08
C GLY A 72 8.86 17.55 13.16
N ASN A 73 8.56 16.24 13.18
CA ASN A 73 7.64 15.69 14.17
C ASN A 73 8.13 15.83 15.62
N PRO A 74 9.37 15.41 15.92
CA PRO A 74 9.81 15.57 17.32
C PRO A 74 9.83 17.03 17.72
N ASP A 75 10.43 17.89 16.89
CA ASP A 75 10.45 19.33 17.19
C ASP A 75 9.01 19.81 17.36
N LYS A 76 8.07 18.86 17.34
CA LYS A 76 6.64 19.15 17.45
C LYS A 76 5.89 18.44 18.56
N GLY A 77 6.35 17.25 18.94
CA GLY A 77 5.67 16.52 19.99
C GLY A 77 5.22 15.13 19.55
N LEU A 78 5.87 14.57 18.55
CA LEU A 78 5.51 13.25 18.04
C LEU A 78 6.71 12.54 17.47
N PRO A 79 6.65 11.20 17.43
CA PRO A 79 7.74 10.39 16.90
C PRO A 79 7.93 10.70 15.43
N THR A 80 9.14 10.52 14.94
CA THR A 80 9.43 10.78 13.55
C THR A 80 8.78 9.70 12.66
N VAL A 81 8.73 8.49 13.19
CA VAL A 81 8.24 7.31 12.50
C VAL A 81 7.12 6.64 13.29
N MET A 82 5.98 6.43 12.63
CA MET A 82 4.85 5.74 13.22
C MET A 82 4.47 4.74 12.12
N ALA A 83 4.13 3.51 12.51
CA ALA A 83 3.75 2.53 11.50
C ALA A 83 2.62 1.66 11.98
N LEU A 84 1.78 1.28 11.01
CA LEU A 84 0.63 0.44 11.24
C LEU A 84 0.68 -0.69 10.24
N MET A 85 0.40 -1.90 10.72
CA MET A 85 0.38 -3.11 9.92
C MET A 85 -1.04 -3.70 9.95
N ILE A 86 -1.55 -4.00 8.76
CA ILE A 86 -2.83 -4.65 8.62
C ILE A 86 -2.43 -6.08 8.21
N LEU A 87 -2.79 -7.07 9.02
CA LEU A 87 -2.47 -8.48 8.78
C LEU A 87 -3.70 -9.14 8.22
N ASN A 88 -3.56 -9.81 7.08
CA ASN A 88 -4.73 -10.46 6.47
C ASN A 88 -4.56 -11.96 6.26
N SER A 89 -5.68 -12.62 5.95
CA SER A 89 -5.67 -14.05 5.66
C SER A 89 -5.56 -14.19 4.15
N PRO A 90 -4.60 -14.97 3.66
CA PRO A 90 -4.51 -15.11 2.20
C PRO A 90 -5.69 -15.92 1.59
N GLU A 91 -6.39 -16.70 2.39
CA GLU A 91 -7.49 -17.50 1.85
C GLU A 91 -8.81 -16.74 1.74
N THR A 92 -9.00 -15.75 2.61
CA THR A 92 -10.24 -14.97 2.62
C THR A 92 -10.04 -13.45 2.45
N GLY A 93 -8.78 -12.99 2.57
CA GLY A 93 -8.46 -11.59 2.46
C GLY A 93 -8.86 -10.81 3.71
N PHE A 94 -9.47 -11.51 4.66
CA PHE A 94 -9.93 -10.88 5.87
C PHE A 94 -8.81 -10.22 6.69
N PRO A 95 -9.07 -9.02 7.19
CA PRO A 95 -8.12 -8.27 8.03
C PRO A 95 -8.16 -8.78 9.46
N LEU A 96 -7.29 -9.75 9.74
CA LEU A 96 -7.15 -10.42 11.01
C LEU A 96 -6.73 -9.45 12.12
N ALA A 97 -5.87 -8.50 11.80
CA ALA A 97 -5.41 -7.58 12.84
C ALA A 97 -4.87 -6.26 12.26
N VAL A 98 -4.92 -5.23 13.10
CA VAL A 98 -4.39 -3.91 12.79
C VAL A 98 -3.54 -3.69 14.01
N MET A 99 -2.22 -3.64 13.81
CA MET A 99 -1.25 -3.48 14.90
C MET A 99 -0.25 -2.35 14.73
N ASP A 100 0.36 -1.97 15.83
CA ASP A 100 1.42 -0.99 15.80
C ASP A 100 2.59 -1.75 15.18
N ALA A 101 3.26 -1.14 14.23
CA ALA A 101 4.44 -1.75 13.65
C ALA A 101 5.62 -0.79 13.92
N THR A 102 5.43 0.17 14.83
CA THR A 102 6.50 1.15 15.10
C THR A 102 7.63 0.43 15.78
N TYR A 103 7.31 -0.25 16.86
CA TYR A 103 8.31 -0.99 17.57
C TYR A 103 8.89 -2.16 16.79
N THR A 104 8.04 -2.92 16.09
CA THR A 104 8.56 -4.07 15.39
C THR A 104 9.38 -3.71 14.19
N THR A 105 9.27 -2.47 13.72
CA THR A 105 10.10 -2.04 12.58
C THR A 105 11.55 -1.95 13.11
N SER A 106 11.72 -1.39 14.30
CA SER A 106 13.07 -1.27 14.89
C SER A 106 13.61 -2.66 15.25
N LEU A 107 12.72 -3.47 15.84
CA LEU A 107 13.05 -4.82 16.26
C LEU A 107 13.55 -5.66 15.10
N ARG A 108 12.79 -5.74 14.00
CA ARG A 108 13.20 -6.57 12.90
C ARG A 108 14.40 -6.02 12.12
N THR A 109 14.71 -4.75 12.31
CA THR A 109 15.88 -4.17 11.63
C THR A 109 17.03 -4.64 12.50
N GLY A 110 16.83 -4.59 13.81
CA GLY A 110 17.87 -5.09 14.68
C GLY A 110 18.13 -6.56 14.36
N ALA A 111 17.06 -7.36 14.30
CA ALA A 111 17.20 -8.79 14.03
C ALA A 111 17.98 -9.04 12.72
N ALA A 112 17.66 -8.30 11.65
CA ALA A 112 18.39 -8.50 10.40
C ALA A 112 19.88 -8.22 10.58
N GLY A 113 20.20 -7.17 11.32
CA GLY A 113 21.58 -6.80 11.53
C GLY A 113 22.29 -7.98 12.15
N GLY A 114 21.66 -8.58 13.15
CA GLY A 114 22.21 -9.72 13.85
C GLY A 114 22.37 -10.95 12.96
N ILE A 115 21.36 -11.22 12.11
CA ILE A 115 21.40 -12.37 11.21
C ILE A 115 22.47 -12.12 10.12
N ALA A 116 22.55 -10.91 9.59
CA ALA A 116 23.58 -10.67 8.58
C ALA A 116 25.01 -10.85 9.15
N ALA A 117 25.26 -10.34 10.36
CA ALA A 117 26.59 -10.49 10.92
C ALA A 117 26.86 -11.99 11.20
N LYS A 118 25.84 -12.72 11.64
CA LYS A 118 26.01 -14.16 11.88
C LYS A 118 26.55 -14.89 10.65
N TYR A 119 26.06 -14.49 9.46
CA TYR A 119 26.46 -15.13 8.22
C TYR A 119 27.67 -14.51 7.54
N LEU A 120 27.92 -13.25 7.81
CA LEU A 120 28.98 -12.57 7.12
C LEU A 120 30.24 -12.17 7.89
N ALA A 121 30.13 -11.97 9.18
CA ALA A 121 31.28 -11.54 10.00
C ALA A 121 32.17 -12.70 10.43
N ARG A 122 33.45 -12.42 10.66
CA ARG A 122 34.40 -13.44 11.10
C ARG A 122 33.88 -14.09 12.35
N LYS A 123 33.89 -15.42 12.37
CA LYS A 123 33.38 -16.14 13.52
C LYS A 123 34.05 -15.73 14.84
N ASN A 124 35.22 -15.10 14.76
CA ASN A 124 35.95 -14.65 15.98
C ASN A 124 35.76 -13.16 16.37
N SER A 125 34.80 -12.47 15.75
CA SER A 125 34.55 -11.05 16.05
C SER A 125 34.31 -10.83 17.53
N SER A 126 34.93 -9.78 18.06
CA SER A 126 34.75 -9.48 19.47
C SER A 126 34.67 -7.99 19.74
N VAL A 127 35.25 -7.18 18.85
CA VAL A 127 35.22 -5.75 19.04
C VAL A 127 34.12 -5.21 18.14
N PHE A 128 33.14 -4.54 18.76
CA PHE A 128 32.02 -4.00 18.02
C PHE A 128 31.99 -2.51 18.08
N GLY A 129 32.02 -1.89 16.90
CA GLY A 129 31.97 -0.44 16.81
C GLY A 129 30.61 0.07 16.32
N PHE A 130 30.15 1.16 16.93
CA PHE A 130 28.89 1.77 16.56
C PHE A 130 29.04 3.24 16.15
N ILE A 131 28.69 3.54 14.92
CA ILE A 131 28.71 4.91 14.44
C ILE A 131 27.23 5.27 14.48
N GLY A 132 26.84 6.05 15.49
CA GLY A 132 25.46 6.43 15.69
C GLY A 132 24.99 5.65 16.90
N CYS A 133 24.45 6.33 17.91
CA CYS A 133 24.02 5.65 19.12
C CYS A 133 22.57 5.96 19.47
N GLY A 134 21.73 6.05 18.44
CA GLY A 134 20.30 6.28 18.61
C GLY A 134 19.56 4.93 18.77
N THR A 135 18.25 4.97 18.62
CA THR A 135 17.41 3.80 18.78
C THR A 135 17.88 2.53 18.12
N GLN A 136 18.07 2.59 16.82
CA GLN A 136 18.48 1.42 16.08
C GLN A 136 19.78 0.80 16.61
N ALA A 137 20.72 1.63 17.09
CA ALA A 137 21.97 1.05 17.57
C ALA A 137 21.69 0.05 18.69
N TYR A 138 20.78 0.41 19.60
CA TYR A 138 20.43 -0.50 20.70
C TYR A 138 19.89 -1.82 20.14
N PHE A 139 18.99 -1.75 19.17
CA PHE A 139 18.44 -2.98 18.61
C PHE A 139 19.50 -3.81 17.91
N GLN A 140 20.44 -3.15 17.26
CA GLN A 140 21.49 -3.89 16.59
C GLN A 140 22.33 -4.60 17.67
N LEU A 141 22.70 -3.86 18.72
CA LEU A 141 23.49 -4.38 19.82
C LEU A 141 22.84 -5.62 20.42
N GLU A 142 21.53 -5.55 20.68
CA GLU A 142 20.81 -6.67 21.27
C GLU A 142 20.74 -7.89 20.33
N ALA A 143 20.55 -7.67 19.04
CA ALA A 143 20.50 -8.80 18.12
C ALA A 143 21.89 -9.46 18.06
N LEU A 144 22.92 -8.62 17.94
CA LEU A 144 24.29 -9.10 17.85
C LEU A 144 24.76 -9.91 19.06
N ARG A 145 24.33 -9.54 20.25
CA ARG A 145 24.79 -10.32 21.35
C ARG A 145 24.06 -11.67 21.41
N ARG A 146 23.08 -11.87 20.55
CA ARG A 146 22.43 -13.18 20.54
C ARG A 146 23.36 -14.07 19.72
N VAL A 147 24.23 -13.47 18.93
CA VAL A 147 25.08 -14.30 18.09
C VAL A 147 26.58 -14.23 18.37
N PHE A 148 27.00 -13.25 19.18
CA PHE A 148 28.41 -13.12 19.51
C PHE A 148 28.59 -12.70 20.96
N ASP A 149 29.67 -13.17 21.55
CA ASP A 149 29.95 -12.74 22.89
C ASP A 149 30.70 -11.46 22.56
N ILE A 150 30.17 -10.34 22.99
CA ILE A 150 30.77 -9.05 22.68
C ILE A 150 31.90 -8.70 23.65
N GLY A 151 33.13 -8.70 23.13
CA GLY A 151 34.28 -8.39 23.94
C GLY A 151 34.40 -6.93 24.33
N GLU A 152 34.21 -6.05 23.35
CA GLU A 152 34.31 -4.63 23.60
C GLU A 152 33.44 -3.80 22.66
N VAL A 153 32.89 -2.71 23.20
CA VAL A 153 32.06 -1.81 22.43
C VAL A 153 32.73 -0.44 22.36
N LYS A 154 32.84 0.10 21.15
CA LYS A 154 33.40 1.42 20.92
C LYS A 154 32.27 2.26 20.33
N ALA A 155 31.80 3.27 21.07
CA ALA A 155 30.67 4.07 20.61
C ALA A 155 30.86 5.54 20.25
N TYR A 156 30.40 5.92 19.08
CA TYR A 156 30.51 7.31 18.63
C TYR A 156 29.20 7.91 18.14
N ASP A 157 28.88 9.09 18.62
CA ASP A 157 27.68 9.78 18.14
C ASP A 157 28.07 11.25 18.12
N VAL A 158 27.53 12.05 17.20
CA VAL A 158 27.84 13.50 17.21
C VAL A 158 27.27 14.09 18.48
N ARG A 159 26.29 13.39 19.06
CA ARG A 159 25.72 13.85 20.30
C ARG A 159 26.36 12.98 21.39
N GLU A 160 27.32 13.57 22.10
CA GLU A 160 28.03 12.82 23.13
C GLU A 160 27.10 12.28 24.18
N LYS A 161 26.04 13.00 24.50
CA LYS A 161 25.10 12.50 25.49
C LYS A 161 24.56 11.11 25.08
N ALA A 162 24.24 10.92 23.80
CA ALA A 162 23.71 9.67 23.32
C ALA A 162 24.77 8.55 23.39
N ALA A 163 26.02 8.85 23.04
CA ALA A 163 27.06 7.82 23.10
C ALA A 163 27.30 7.35 24.54
N LYS A 164 27.32 8.27 25.49
CA LYS A 164 27.52 7.92 26.89
C LYS A 164 26.38 7.08 27.42
N LYS A 165 25.17 7.41 27.03
CA LYS A 165 24.03 6.62 27.45
C LYS A 165 24.15 5.19 26.89
N PHE A 166 24.47 5.05 25.61
CA PHE A 166 24.59 3.72 25.00
C PHE A 166 25.71 2.97 25.72
N VAL A 167 26.80 3.67 26.02
CA VAL A 167 27.91 3.05 26.70
C VAL A 167 27.50 2.56 28.08
N SER A 168 26.73 3.37 28.79
CA SER A 168 26.24 3.04 30.12
C SER A 168 25.27 1.83 30.06
N TYR A 169 24.48 1.77 28.97
CA TYR A 169 23.52 0.68 28.75
C TYR A 169 24.27 -0.64 28.63
N CYS A 170 25.40 -0.59 27.90
CA CYS A 170 26.26 -1.75 27.71
C CYS A 170 26.80 -2.20 29.05
N GLU A 171 27.53 -1.32 29.72
CA GLU A 171 28.11 -1.69 31.00
C GLU A 171 27.06 -2.33 31.90
N ASP A 172 25.88 -1.73 31.99
CA ASP A 172 24.85 -2.28 32.85
C ASP A 172 24.68 -3.77 32.63
N ARG A 173 24.74 -4.23 31.40
CA ARG A 173 24.61 -5.66 31.16
C ARG A 173 25.95 -6.35 31.00
N GLY A 174 26.95 -5.82 31.70
CA GLY A 174 28.28 -6.38 31.70
C GLY A 174 29.13 -6.32 30.44
N ILE A 175 28.72 -5.56 29.45
CA ILE A 175 29.55 -5.50 28.27
C ILE A 175 30.53 -4.33 28.37
N SER A 176 31.82 -4.64 28.31
CA SER A 176 32.85 -3.61 28.38
C SER A 176 32.62 -2.60 27.22
N ALA A 177 32.60 -1.32 27.52
CA ALA A 177 32.35 -0.32 26.49
C ALA A 177 32.86 1.10 26.80
N SER A 178 33.13 1.88 25.77
CA SER A 178 33.61 3.24 25.99
C SER A 178 33.22 4.16 24.86
N VAL A 179 33.14 5.45 25.16
CA VAL A 179 32.81 6.45 24.16
C VAL A 179 34.11 6.66 23.36
N GLN A 180 34.00 6.87 22.05
CA GLN A 180 35.17 7.01 21.19
C GLN A 180 34.87 7.85 19.97
N PRO A 181 35.87 8.55 19.45
CA PRO A 181 35.78 9.42 18.26
C PRO A 181 35.44 8.48 17.14
N ALA A 182 35.02 9.00 15.98
CA ALA A 182 34.63 8.15 14.88
C ALA A 182 35.74 7.28 14.30
N GLU A 183 36.90 7.86 14.09
CA GLU A 183 38.02 7.08 13.54
C GLU A 183 38.36 5.84 14.36
N GLU A 184 38.34 5.95 15.68
CA GLU A 184 38.65 4.81 16.55
C GLU A 184 37.50 3.77 16.62
N ALA A 185 36.26 4.25 16.68
CA ALA A 185 35.10 3.35 16.72
C ALA A 185 35.07 2.47 15.48
N SER A 186 35.53 3.01 14.35
CA SER A 186 35.56 2.30 13.07
C SER A 186 36.53 1.13 13.02
N ARG A 187 37.48 1.14 13.96
CA ARG A 187 38.49 0.11 14.07
C ARG A 187 37.87 -0.98 14.92
N CYS A 188 37.39 -2.03 14.28
CA CYS A 188 36.71 -3.11 14.98
C CYS A 188 36.55 -4.32 14.08
N ASP A 189 35.92 -5.37 14.57
CA ASP A 189 35.67 -6.56 13.72
C ASP A 189 34.29 -6.44 13.02
N VAL A 190 33.32 -5.85 13.73
CA VAL A 190 31.95 -5.62 13.26
C VAL A 190 31.65 -4.15 13.53
N LEU A 191 31.35 -3.41 12.45
CA LEU A 191 31.04 -1.98 12.54
C LEU A 191 29.57 -1.76 12.12
N VAL A 192 28.79 -1.18 13.02
CA VAL A 192 27.37 -0.91 12.82
C VAL A 192 27.13 0.59 12.56
N THR A 193 26.87 1.02 11.33
CA THR A 193 26.62 2.45 11.07
C THR A 193 25.11 2.67 11.10
N THR A 194 24.66 3.59 11.93
CA THR A 194 23.25 3.76 12.13
C THR A 194 22.77 5.22 12.03
N THR A 195 23.52 6.04 11.30
CA THR A 195 23.19 7.46 11.18
C THR A 195 22.35 7.78 9.95
N PRO A 196 21.67 8.94 9.97
CA PRO A 196 20.84 9.35 8.83
C PRO A 196 21.65 10.33 7.99
N SER A 197 22.97 10.32 8.13
CA SER A 197 23.79 11.24 7.36
C SER A 197 23.60 11.16 5.85
N ARG A 198 23.97 12.23 5.16
CA ARG A 198 23.88 12.26 3.70
C ARG A 198 25.29 12.42 3.09
N LYS A 199 26.32 12.37 3.94
CA LYS A 199 27.71 12.44 3.51
C LYS A 199 28.48 11.40 4.32
N PRO A 200 29.59 10.90 3.79
CA PRO A 200 30.39 9.90 4.49
C PRO A 200 30.72 10.22 5.94
N VAL A 201 30.49 9.25 6.81
CA VAL A 201 30.79 9.39 8.22
C VAL A 201 31.95 8.45 8.60
N VAL A 202 32.28 7.53 7.71
CA VAL A 202 33.35 6.59 7.96
C VAL A 202 34.34 6.67 6.81
N LYS A 203 35.61 6.84 7.13
CA LYS A 203 36.64 6.93 6.10
C LYS A 203 37.20 5.56 5.75
N ALA A 204 37.52 5.35 4.49
CA ALA A 204 38.08 4.06 4.08
C ALA A 204 39.34 3.69 4.86
N GLU A 205 40.27 4.61 4.97
CA GLU A 205 41.50 4.31 5.68
C GLU A 205 41.28 3.94 7.13
N TRP A 206 40.09 4.17 7.66
CA TRP A 206 39.80 3.79 9.04
C TRP A 206 39.36 2.32 9.11
N VAL A 207 38.97 1.73 7.99
CA VAL A 207 38.47 0.36 8.02
C VAL A 207 39.54 -0.68 7.79
N GLU A 208 39.69 -1.56 8.77
CA GLU A 208 40.68 -2.63 8.71
C GLU A 208 40.13 -3.84 7.97
N GLU A 209 41.06 -4.66 7.48
CA GLU A 209 40.76 -5.89 6.80
C GLU A 209 39.93 -6.74 7.77
N GLY A 210 39.09 -7.63 7.23
CA GLY A 210 38.28 -8.52 8.04
C GLY A 210 37.07 -7.89 8.72
N THR A 211 36.86 -6.60 8.52
CA THR A 211 35.73 -5.97 9.15
C THR A 211 34.41 -6.29 8.45
N HIS A 212 33.38 -6.53 9.25
CA HIS A 212 32.06 -6.72 8.69
C HIS A 212 31.26 -5.47 9.07
N ILE A 213 30.68 -4.80 8.07
CA ILE A 213 29.92 -3.59 8.35
C ILE A 213 28.41 -3.77 8.16
N ASN A 214 27.67 -3.50 9.22
CA ASN A 214 26.23 -3.54 9.07
C ASN A 214 25.93 -2.09 8.73
N ALA A 215 25.65 -1.81 7.46
CA ALA A 215 25.34 -0.42 7.03
C ALA A 215 23.81 -0.29 7.09
N ILE A 216 23.32 0.29 8.20
CA ILE A 216 21.87 0.41 8.46
C ILE A 216 21.19 1.77 8.23
N GLY A 217 21.91 2.85 8.50
CA GLY A 217 21.33 4.17 8.41
C GLY A 217 20.69 4.64 7.11
N ALA A 218 21.36 4.39 6.00
CA ALA A 218 20.89 4.81 4.68
C ALA A 218 19.66 4.05 4.19
N ASP A 219 18.58 4.75 3.94
CA ASP A 219 17.37 4.08 3.46
C ASP A 219 16.50 4.94 2.53
N GLY A 220 17.01 6.07 2.08
CA GLY A 220 16.27 6.92 1.17
C GLY A 220 17.24 7.51 0.16
N PRO A 221 16.76 7.97 -0.97
CA PRO A 221 17.65 8.56 -1.99
C PRO A 221 18.62 9.59 -1.42
N GLY A 222 19.89 9.50 -1.80
CA GLY A 222 20.87 10.47 -1.31
C GLY A 222 21.44 10.20 0.07
N LYS A 223 20.81 9.34 0.86
CA LYS A 223 21.38 9.00 2.16
C LYS A 223 22.64 8.20 1.81
N GLN A 224 23.67 8.35 2.64
CA GLN A 224 24.96 7.67 2.43
C GLN A 224 25.87 7.81 3.65
N GLU A 225 26.36 6.70 4.22
CA GLU A 225 27.23 6.78 5.40
C GLU A 225 28.69 6.38 5.18
N LEU A 226 28.96 5.68 4.08
CA LEU A 226 30.29 5.18 3.83
C LEU A 226 31.04 5.80 2.70
N ASP A 227 32.32 6.03 2.97
CA ASP A 227 33.30 6.53 2.01
C ASP A 227 33.06 5.54 0.89
N VAL A 228 32.85 6.02 -0.33
CA VAL A 228 32.63 5.11 -1.43
C VAL A 228 33.82 4.17 -1.64
N GLU A 229 35.04 4.58 -1.26
CA GLU A 229 36.21 3.70 -1.46
C GLU A 229 36.08 2.40 -0.66
N ILE A 230 35.25 2.41 0.39
CA ILE A 230 35.04 1.20 1.20
C ILE A 230 34.21 0.25 0.32
N LEU A 231 33.22 0.79 -0.39
CA LEU A 231 32.36 -0.02 -1.25
C LEU A 231 33.15 -0.74 -2.32
N LYS A 232 34.05 -0.02 -2.98
CA LYS A 232 34.87 -0.60 -4.06
C LYS A 232 35.70 -1.82 -3.64
N LYS A 233 36.12 -1.79 -2.39
CA LYS A 233 37.00 -2.79 -1.79
C LYS A 233 36.29 -3.89 -1.00
N ALA A 234 34.95 -3.94 -1.07
CA ALA A 234 34.24 -4.89 -0.24
C ALA A 234 33.29 -5.83 -0.95
N LYS A 235 32.93 -6.92 -0.27
CA LYS A 235 31.94 -7.84 -0.75
C LYS A 235 30.62 -7.27 -0.17
N ILE A 236 29.81 -6.71 -1.04
CA ILE A 236 28.56 -6.08 -0.63
C ILE A 236 27.39 -7.06 -0.68
N VAL A 237 26.68 -7.19 0.42
CA VAL A 237 25.54 -8.08 0.45
C VAL A 237 24.32 -7.23 0.79
N VAL A 238 23.40 -7.08 -0.16
CA VAL A 238 22.24 -6.28 0.10
C VAL A 238 21.01 -7.05 0.61
N ASP A 239 20.05 -6.24 0.98
CA ASP A 239 18.75 -6.59 1.50
C ASP A 239 17.89 -7.06 0.33
N ASP A 240 17.74 -6.14 -0.59
CA ASP A 240 16.93 -6.31 -1.75
C ASP A 240 17.69 -5.49 -2.74
N LEU A 241 18.04 -6.08 -3.85
CA LEU A 241 18.82 -5.35 -4.82
C LEU A 241 18.19 -4.00 -5.21
N GLU A 242 16.93 -4.01 -5.64
CA GLU A 242 16.32 -2.76 -6.08
C GLU A 242 16.14 -1.69 -5.01
N GLN A 243 15.83 -2.08 -3.78
CA GLN A 243 15.69 -1.09 -2.71
C GLN A 243 17.05 -0.51 -2.32
N ALA A 244 18.12 -1.29 -2.45
CA ALA A 244 19.44 -0.80 -2.09
C ALA A 244 19.81 0.27 -3.13
N LYS A 245 19.65 -0.07 -4.41
CA LYS A 245 19.92 0.87 -5.52
C LYS A 245 19.27 2.25 -5.27
N HIS A 246 17.97 2.24 -5.01
CA HIS A 246 17.20 3.44 -4.77
C HIS A 246 17.52 4.23 -3.48
N GLY A 247 17.65 3.51 -2.36
CA GLY A 247 17.92 4.20 -1.11
C GLY A 247 18.82 3.56 -0.07
N GLY A 248 19.51 2.47 -0.41
CA GLY A 248 20.40 1.83 0.56
C GLY A 248 21.77 2.50 0.66
N GLU A 249 22.70 1.92 1.43
CA GLU A 249 24.00 2.55 1.56
C GLU A 249 24.66 2.73 0.18
N ILE A 250 24.33 1.85 -0.77
CA ILE A 250 24.95 2.00 -2.08
C ILE A 250 24.24 2.94 -3.07
N ASN A 251 23.12 3.57 -2.70
CA ASN A 251 22.40 4.39 -3.72
C ASN A 251 23.18 5.50 -4.42
N VAL A 252 23.89 6.34 -3.66
CA VAL A 252 24.69 7.46 -4.22
C VAL A 252 25.78 6.92 -5.16
N ALA A 253 26.48 5.88 -4.71
CA ALA A 253 27.54 5.29 -5.50
C ALA A 253 27.02 4.77 -6.82
N VAL A 254 25.91 4.03 -6.79
CA VAL A 254 25.34 3.47 -8.01
C VAL A 254 24.86 4.62 -8.92
N SER A 255 24.16 5.58 -8.33
CA SER A 255 23.65 6.72 -9.09
C SER A 255 24.75 7.57 -9.74
N LYS A 256 25.88 7.74 -9.06
CA LYS A 256 26.96 8.54 -9.61
C LYS A 256 27.89 7.70 -10.45
N GLY A 257 27.52 6.42 -10.58
CA GLY A 257 28.27 5.49 -11.41
C GLY A 257 29.59 4.94 -10.90
N VAL A 258 29.87 5.10 -9.61
CA VAL A 258 31.11 4.59 -9.06
C VAL A 258 31.13 3.07 -9.10
N ILE A 259 30.11 2.43 -8.55
CA ILE A 259 30.06 0.98 -8.61
C ILE A 259 28.84 0.55 -9.42
N GLY A 260 28.91 -0.66 -9.96
CA GLY A 260 27.80 -1.16 -10.74
C GLY A 260 27.12 -2.31 -10.03
N VAL A 261 26.31 -3.07 -10.76
CA VAL A 261 25.61 -4.20 -10.17
C VAL A 261 26.50 -5.41 -10.05
N GLU A 262 27.57 -5.45 -10.80
CA GLU A 262 28.46 -6.58 -10.66
C GLU A 262 29.16 -6.39 -9.32
N ASP A 263 29.16 -5.15 -8.84
CA ASP A 263 29.80 -4.87 -7.58
C ASP A 263 28.97 -5.37 -6.40
N VAL A 264 27.77 -5.85 -6.66
CA VAL A 264 26.98 -6.37 -5.55
C VAL A 264 27.14 -7.87 -5.63
N HIS A 265 27.59 -8.46 -4.54
CA HIS A 265 27.84 -9.89 -4.51
C HIS A 265 26.61 -10.80 -4.39
N ALA A 266 25.69 -10.45 -3.51
CA ALA A 266 24.52 -11.28 -3.32
C ALA A 266 23.51 -10.55 -2.45
N THR A 267 22.34 -11.14 -2.25
CA THR A 267 21.34 -10.58 -1.34
C THR A 267 21.57 -11.46 -0.10
N ILE A 268 21.14 -11.03 1.06
CA ILE A 268 21.34 -11.82 2.26
C ILE A 268 20.57 -13.16 2.20
N GLY A 269 19.43 -13.17 1.49
CA GLY A 269 18.61 -14.37 1.36
C GLY A 269 19.36 -15.40 0.54
N GLU A 270 20.04 -14.95 -0.50
CA GLU A 270 20.77 -15.89 -1.31
C GLU A 270 21.86 -16.54 -0.47
N VAL A 271 22.49 -15.78 0.40
CA VAL A 271 23.54 -16.36 1.24
C VAL A 271 22.95 -17.34 2.22
N ILE A 272 21.86 -16.95 2.86
CA ILE A 272 21.25 -17.82 3.83
C ILE A 272 20.77 -19.10 3.14
N ALA A 273 20.23 -18.97 1.94
CA ALA A 273 19.72 -20.10 1.20
C ALA A 273 20.81 -20.95 0.53
N GLY A 274 22.06 -20.51 0.54
CA GLY A 274 23.08 -21.32 -0.09
C GLY A 274 23.21 -21.11 -1.59
N LEU A 275 22.61 -20.05 -2.11
CA LEU A 275 22.67 -19.76 -3.54
C LEU A 275 23.94 -19.00 -3.89
N LYS A 276 24.51 -18.32 -2.90
CA LYS A 276 25.75 -17.57 -3.07
C LYS A 276 26.54 -17.71 -1.77
N ASP A 277 27.85 -17.68 -1.90
CA ASP A 277 28.72 -17.78 -0.75
C ASP A 277 28.65 -16.49 0.07
N GLY A 278 28.96 -16.60 1.36
CA GLY A 278 28.97 -15.41 2.19
C GLY A 278 30.43 -15.02 2.27
N ARG A 279 30.92 -14.82 3.47
CA ARG A 279 32.31 -14.47 3.65
C ARG A 279 33.15 -15.66 3.19
N GLU A 280 34.20 -15.42 2.41
CA GLU A 280 35.06 -16.52 1.96
C GLU A 280 36.50 -16.45 2.47
N SER A 281 36.95 -15.28 2.93
CA SER A 281 38.32 -15.16 3.45
C SER A 281 38.29 -14.31 4.69
N ASP A 282 39.38 -14.31 5.43
CA ASP A 282 39.47 -13.52 6.63
C ASP A 282 39.83 -12.08 6.36
N GLU A 283 40.50 -11.86 5.25
CA GLU A 283 40.96 -10.53 4.87
C GLU A 283 39.88 -9.60 4.37
N GLU A 284 38.94 -10.15 3.61
CA GLU A 284 37.90 -9.31 3.02
C GLU A 284 37.06 -8.46 3.95
N ILE A 285 36.60 -7.36 3.38
CA ILE A 285 35.72 -6.46 4.11
C ILE A 285 34.33 -6.79 3.61
N THR A 286 33.41 -7.14 4.52
CA THR A 286 32.04 -7.45 4.10
C THR A 286 31.10 -6.33 4.51
N ILE A 287 30.05 -6.16 3.71
CA ILE A 287 29.05 -5.16 3.98
C ILE A 287 27.63 -5.69 3.80
N PHE A 288 26.79 -5.45 4.79
CA PHE A 288 25.39 -5.80 4.68
C PHE A 288 24.65 -4.43 4.55
N ASP A 289 24.09 -4.19 3.37
CA ASP A 289 23.32 -2.99 3.03
C ASP A 289 21.85 -3.26 3.35
N SER A 290 21.39 -2.74 4.48
CA SER A 290 20.04 -2.95 4.93
C SER A 290 19.07 -1.81 4.57
N THR A 291 17.93 -2.17 3.99
CA THR A 291 16.93 -1.17 3.65
C THR A 291 15.58 -1.38 4.34
N GLY A 292 15.32 -2.58 4.84
CA GLY A 292 14.03 -2.89 5.49
C GLY A 292 13.05 -3.44 4.44
N LEU A 293 12.66 -4.71 4.58
CA LEU A 293 11.77 -5.31 3.59
C LEU A 293 10.39 -5.68 4.13
N ALA A 294 9.36 -5.56 3.31
CA ALA A 294 8.01 -5.92 3.79
C ALA A 294 7.96 -7.38 4.28
N ILE A 295 8.72 -8.28 3.70
CA ILE A 295 8.66 -9.65 4.19
C ILE A 295 9.07 -9.75 5.66
N GLN A 296 9.93 -8.84 6.12
CA GLN A 296 10.35 -8.83 7.53
C GLN A 296 9.20 -8.35 8.44
N ASP A 297 8.45 -7.35 7.98
CA ASP A 297 7.34 -6.82 8.78
C ASP A 297 6.19 -7.86 8.85
N VAL A 298 5.88 -8.54 7.75
CA VAL A 298 4.81 -9.55 7.82
C VAL A 298 5.21 -10.76 8.68
N ALA A 299 6.43 -11.28 8.44
CA ALA A 299 6.94 -12.42 9.21
C ALA A 299 6.82 -12.11 10.70
N VAL A 300 7.36 -10.97 11.07
CA VAL A 300 7.31 -10.57 12.45
C VAL A 300 5.88 -10.29 12.94
N ALA A 301 5.02 -9.74 12.10
CA ALA A 301 3.66 -9.48 12.55
C ALA A 301 2.91 -10.82 12.79
N LYS A 302 3.26 -11.84 12.01
CA LYS A 302 2.66 -13.16 12.20
C LYS A 302 2.94 -13.69 13.61
N VAL A 303 4.15 -13.47 14.10
CA VAL A 303 4.51 -13.94 15.42
C VAL A 303 3.76 -13.19 16.52
N VAL A 304 3.63 -11.88 16.34
CA VAL A 304 2.90 -11.03 17.30
C VAL A 304 1.42 -11.43 17.32
N TYR A 305 0.86 -11.70 16.14
CA TYR A 305 -0.55 -12.06 16.08
C TYR A 305 -0.84 -13.40 16.80
N GLU A 306 -0.07 -14.44 16.52
CA GLU A 306 -0.29 -15.73 17.15
C GLU A 306 0.02 -15.66 18.63
N ASN A 307 1.02 -14.89 19.03
CA ASN A 307 1.28 -14.80 20.45
C ASN A 307 0.17 -14.02 21.13
N ALA A 308 -0.49 -13.15 20.37
CA ALA A 308 -1.56 -12.35 20.90
C ALA A 308 -2.79 -13.25 21.15
N LEU A 309 -3.10 -14.16 20.24
CA LEU A 309 -4.23 -15.05 20.46
C LEU A 309 -3.95 -15.84 21.75
N SER A 310 -2.74 -16.41 21.82
CA SER A 310 -2.32 -17.21 22.98
C SER A 310 -2.46 -16.57 24.32
N LYS A 311 -2.14 -15.29 24.44
CA LYS A 311 -2.22 -14.64 25.74
C LYS A 311 -3.45 -13.78 25.94
N ASN A 312 -4.41 -13.92 25.02
CA ASN A 312 -5.66 -13.14 25.11
C ASN A 312 -5.33 -11.65 25.17
N VAL A 313 -4.34 -11.22 24.41
CA VAL A 313 -3.96 -9.82 24.41
C VAL A 313 -4.62 -9.09 23.23
N GLY A 314 -5.00 -7.83 23.47
CA GLY A 314 -5.62 -7.04 22.43
C GLY A 314 -7.04 -6.63 22.75
N SER A 315 -7.74 -6.10 21.75
CA SER A 315 -9.13 -5.68 21.89
C SER A 315 -9.70 -6.00 20.51
N LYS A 316 -11.02 -6.08 20.38
CA LYS A 316 -11.59 -6.45 19.10
C LYS A 316 -12.63 -5.52 18.51
N ILE A 317 -12.55 -5.32 17.20
CA ILE A 317 -13.52 -4.50 16.53
C ILE A 317 -14.13 -5.23 15.33
N LYS A 318 -15.45 -5.09 15.16
CA LYS A 318 -16.18 -5.70 14.03
C LYS A 318 -16.29 -4.61 12.98
N PHE A 319 -15.37 -4.60 12.04
CA PHE A 319 -15.36 -3.58 11.01
C PHE A 319 -16.47 -3.66 9.99
N PHE A 320 -16.87 -4.87 9.62
CA PHE A 320 -17.87 -5.04 8.57
C PHE A 320 -19.24 -5.56 8.98
N MET B 1 -1.35 10.72 21.40
CA MET B 1 -2.71 11.03 20.84
C MET B 1 -3.38 9.79 20.30
N GLU B 2 -4.53 9.96 19.68
CA GLU B 2 -5.26 8.79 19.23
C GLU B 2 -5.76 8.74 17.80
N THR B 3 -6.01 7.51 17.38
CA THR B 3 -6.49 7.18 16.04
C THR B 3 -7.99 6.82 16.16
N LEU B 4 -8.82 7.47 15.35
CA LEU B 4 -10.26 7.24 15.35
C LEU B 4 -10.55 5.94 14.61
N ILE B 5 -11.41 5.09 15.17
CA ILE B 5 -11.80 3.83 14.55
C ILE B 5 -13.29 3.90 14.11
N LEU B 6 -13.57 3.58 12.85
CA LEU B 6 -14.92 3.64 12.33
C LEU B 6 -15.36 2.33 11.62
N THR B 7 -16.51 1.81 12.07
CA THR B 7 -17.09 0.58 11.53
C THR B 7 -17.91 0.92 10.31
N GLN B 8 -18.28 -0.11 9.54
CA GLN B 8 -19.08 0.09 8.33
C GLN B 8 -20.44 0.72 8.61
N GLU B 9 -21.02 0.38 9.75
CA GLU B 9 -22.30 0.91 10.12
C GLU B 9 -22.18 2.39 10.45
N GLU B 10 -21.07 2.74 11.08
CA GLU B 10 -20.85 4.14 11.43
C GLU B 10 -20.56 4.93 10.17
N VAL B 11 -19.69 4.43 9.28
CA VAL B 11 -19.36 5.16 8.05
C VAL B 11 -20.60 5.40 7.25
N GLU B 12 -21.49 4.40 7.21
CA GLU B 12 -22.72 4.51 6.43
C GLU B 12 -23.57 5.67 6.88
N SER B 13 -23.50 6.00 8.16
CA SER B 13 -24.27 7.12 8.68
C SER B 13 -23.48 8.44 8.58
N LEU B 14 -22.26 8.40 8.03
CA LEU B 14 -21.48 9.63 7.97
C LEU B 14 -21.27 10.27 6.61
N ILE B 15 -21.81 9.68 5.56
CA ILE B 15 -21.65 10.27 4.25
C ILE B 15 -22.88 10.03 3.40
N SER B 16 -23.33 11.07 2.68
CA SER B 16 -24.50 10.95 1.82
C SER B 16 -24.00 10.74 0.40
N MET B 17 -24.88 10.29 -0.48
CA MET B 17 -24.53 10.07 -1.87
C MET B 17 -24.15 11.37 -2.56
N ASP B 18 -24.74 12.48 -2.11
CA ASP B 18 -24.48 13.79 -2.71
C ASP B 18 -23.09 14.26 -2.30
N GLU B 19 -22.71 13.96 -1.07
CA GLU B 19 -21.38 14.35 -0.60
C GLU B 19 -20.31 13.56 -1.40
N ALA B 20 -20.59 12.26 -1.58
CA ALA B 20 -19.69 11.36 -2.29
C ALA B 20 -19.52 11.81 -3.74
N MET B 21 -20.61 12.24 -4.35
CA MET B 21 -20.59 12.71 -5.72
C MET B 21 -19.84 14.03 -5.75
N ASN B 22 -20.02 14.90 -4.77
CA ASN B 22 -19.24 16.12 -4.84
C ASN B 22 -17.75 15.80 -4.56
N ALA B 23 -17.48 14.95 -3.56
CA ALA B 23 -16.08 14.63 -3.23
C ALA B 23 -15.38 14.04 -4.46
N VAL B 24 -16.01 13.06 -5.08
CA VAL B 24 -15.48 12.38 -6.26
C VAL B 24 -15.33 13.29 -7.49
N GLU B 25 -16.32 14.14 -7.73
CA GLU B 25 -16.20 15.04 -8.88
C GLU B 25 -15.02 15.96 -8.68
N GLU B 26 -14.85 16.45 -7.45
CA GLU B 26 -13.73 17.34 -7.16
C GLU B 26 -12.38 16.58 -7.21
N ALA B 27 -12.38 15.30 -6.80
CA ALA B 27 -11.16 14.50 -6.84
C ALA B 27 -10.69 14.37 -8.27
N PHE B 28 -11.59 14.10 -9.22
CA PHE B 28 -11.21 13.93 -10.62
C PHE B 28 -10.66 15.25 -11.18
N ARG B 29 -11.30 16.36 -10.83
CA ARG B 29 -10.89 17.68 -11.32
C ARG B 29 -9.48 18.05 -10.83
N LEU B 30 -9.31 17.94 -9.53
CA LEU B 30 -8.07 18.24 -8.85
C LEU B 30 -6.93 17.43 -9.47
N TYR B 31 -7.16 16.15 -9.70
CA TYR B 31 -6.10 15.30 -10.23
C TYR B 31 -5.78 15.67 -11.67
N ALA B 32 -6.81 16.07 -12.44
CA ALA B 32 -6.55 16.45 -13.83
C ALA B 32 -5.73 17.70 -13.84
N LEU B 33 -5.83 18.50 -12.80
CA LEU B 33 -5.06 19.74 -12.72
C LEU B 33 -3.74 19.51 -12.03
N GLY B 34 -3.38 18.26 -11.74
CA GLY B 34 -2.14 18.02 -11.05
C GLY B 34 -2.09 18.39 -9.58
N LYS B 35 -3.26 18.56 -8.97
CA LYS B 35 -3.37 18.89 -7.54
C LYS B 35 -3.63 17.66 -6.69
N ALA B 36 -3.13 16.51 -7.12
CA ALA B 36 -3.36 15.28 -6.36
C ALA B 36 -2.33 14.27 -6.78
N GLN B 37 -1.95 13.39 -5.85
CA GLN B 37 -0.97 12.37 -6.23
C GLN B 37 -1.59 11.02 -6.07
N MET B 38 -1.27 10.15 -7.02
CA MET B 38 -1.81 8.82 -6.98
C MET B 38 -0.88 7.88 -7.72
N PRO B 39 -0.20 7.01 -6.99
CA PRO B 39 0.66 6.13 -7.76
C PRO B 39 -0.17 4.93 -8.15
N PRO B 40 0.33 4.09 -9.05
CA PRO B 40 -0.37 2.88 -9.51
C PRO B 40 -0.78 1.98 -8.33
N LYS B 41 -1.72 1.07 -8.56
CA LYS B 41 -2.18 0.11 -7.58
C LYS B 41 -1.09 -0.94 -7.39
N VAL B 42 -1.08 -1.58 -6.23
CA VAL B 42 -0.09 -2.61 -5.96
C VAL B 42 -0.89 -3.85 -5.57
N TYR B 43 -0.60 -4.94 -6.24
CA TYR B 43 -1.28 -6.20 -6.03
C TYR B 43 -0.50 -7.30 -5.34
N LEU B 44 -1.26 -8.16 -4.68
CA LEU B 44 -0.70 -9.31 -4.01
C LEU B 44 -1.68 -10.37 -4.50
N GLU B 45 -1.21 -11.29 -5.34
CA GLU B 45 -2.08 -12.34 -5.88
C GLU B 45 -2.07 -13.64 -5.06
N PHE B 46 -3.25 -14.16 -4.76
CA PHE B 46 -3.30 -15.41 -4.02
C PHE B 46 -4.01 -16.42 -4.87
N GLU B 47 -3.93 -17.67 -4.44
CA GLU B 47 -4.58 -18.74 -5.15
C GLU B 47 -6.05 -18.34 -5.33
N LYS B 48 -6.74 -18.09 -4.22
CA LYS B 48 -8.17 -17.75 -4.28
C LYS B 48 -8.61 -16.28 -4.23
N GLY B 49 -7.80 -15.35 -4.72
CA GLY B 49 -8.18 -13.95 -4.68
C GLY B 49 -6.96 -13.05 -4.59
N ASP B 50 -7.13 -11.79 -4.19
CA ASP B 50 -5.98 -10.90 -4.09
C ASP B 50 -6.20 -9.78 -3.06
N LEU B 51 -5.24 -8.87 -2.98
CA LEU B 51 -5.34 -7.74 -2.06
C LEU B 51 -4.62 -6.63 -2.81
N ARG B 52 -5.16 -5.43 -2.74
CA ARG B 52 -4.55 -4.33 -3.43
C ARG B 52 -4.35 -3.15 -2.50
N ALA B 53 -3.28 -2.43 -2.74
CA ALA B 53 -2.97 -1.25 -1.95
C ALA B 53 -3.28 -0.08 -2.88
N MET B 54 -4.07 0.87 -2.41
CA MET B 54 -4.43 2.04 -3.20
C MET B 54 -4.18 3.32 -2.43
N PRO B 55 -2.98 3.92 -2.56
CA PRO B 55 -2.72 5.15 -1.81
C PRO B 55 -2.94 6.40 -2.66
N ALA B 56 -3.31 7.50 -2.01
CA ALA B 56 -3.53 8.76 -2.71
C ALA B 56 -3.31 9.94 -1.76
N HIS B 57 -2.99 11.11 -2.32
CA HIS B 57 -2.81 12.33 -1.53
C HIS B 57 -3.56 13.47 -2.19
N LEU B 58 -4.55 14.06 -1.52
CA LEU B 58 -5.28 15.21 -2.10
C LEU B 58 -6.17 15.84 -1.04
N MET B 59 -6.63 17.05 -1.32
CA MET B 59 -7.52 17.73 -0.38
C MET B 59 -6.99 17.83 1.04
N GLY B 60 -5.67 17.84 1.18
CA GLY B 60 -5.10 17.97 2.49
C GLY B 60 -5.05 16.68 3.32
N TYR B 61 -5.25 15.53 2.67
CA TYR B 61 -5.18 14.24 3.39
C TYR B 61 -4.44 13.26 2.52
N ALA B 62 -3.90 12.23 3.17
CA ALA B 62 -3.24 11.14 2.49
C ALA B 62 -3.88 9.91 3.11
N GLY B 63 -3.91 8.82 2.36
CA GLY B 63 -4.49 7.61 2.87
C GLY B 63 -4.20 6.43 1.99
N LEU B 64 -4.32 5.25 2.58
CA LEU B 64 -4.12 4.02 1.86
C LEU B 64 -5.29 3.09 2.10
N LYS B 65 -5.93 2.64 1.03
CA LYS B 65 -7.03 1.72 1.17
C LYS B 65 -6.38 0.38 0.85
N TRP B 66 -6.62 -0.62 1.68
CA TRP B 66 -6.08 -1.97 1.52
C TRP B 66 -7.34 -2.81 1.35
N VAL B 67 -7.54 -3.33 0.13
CA VAL B 67 -8.77 -4.09 -0.22
C VAL B 67 -8.55 -5.39 -1.00
N ASN B 68 -9.30 -6.44 -0.63
CA ASN B 68 -9.21 -7.76 -1.24
C ASN B 68 -10.39 -8.10 -2.14
N SER B 69 -10.30 -9.29 -2.74
CA SER B 69 -11.35 -9.85 -3.59
C SER B 69 -11.18 -11.36 -3.66
N HIS B 70 -11.96 -12.09 -2.87
CA HIS B 70 -11.89 -13.55 -2.86
C HIS B 70 -13.24 -14.18 -3.21
N PRO B 71 -13.53 -14.28 -4.51
CA PRO B 71 -14.75 -14.83 -5.11
C PRO B 71 -15.42 -15.99 -4.39
N GLY B 72 -14.64 -16.83 -3.72
CA GLY B 72 -15.25 -17.95 -3.02
C GLY B 72 -15.58 -17.64 -1.57
N ASN B 73 -15.66 -16.34 -1.26
CA ASN B 73 -15.94 -15.90 0.09
C ASN B 73 -17.41 -15.98 0.56
N PRO B 74 -18.37 -15.56 -0.29
CA PRO B 74 -19.78 -15.61 0.11
C PRO B 74 -20.20 -17.01 0.49
N ASP B 75 -19.89 -17.95 -0.40
CA ASP B 75 -20.24 -19.34 -0.14
C ASP B 75 -19.35 -19.88 0.96
N LYS B 76 -18.89 -18.97 1.83
CA LYS B 76 -18.04 -19.36 2.94
C LYS B 76 -18.44 -18.59 4.20
N GLY B 77 -19.34 -17.62 4.02
CA GLY B 77 -19.83 -16.80 5.13
C GLY B 77 -19.18 -15.44 5.26
N LEU B 78 -18.62 -14.95 4.15
CA LEU B 78 -17.92 -13.67 4.10
C LEU B 78 -18.22 -12.94 2.80
N PRO B 79 -18.12 -11.62 2.81
CA PRO B 79 -18.38 -10.86 1.59
C PRO B 79 -17.13 -11.05 0.74
N THR B 80 -17.28 -11.02 -0.58
CA THR B 80 -16.11 -11.19 -1.45
C THR B 80 -15.14 -10.05 -1.29
N VAL B 81 -15.69 -8.87 -1.03
CA VAL B 81 -14.93 -7.63 -0.87
C VAL B 81 -15.05 -6.95 0.49
N MET B 82 -13.91 -6.80 1.16
CA MET B 82 -13.83 -6.11 2.44
C MET B 82 -12.67 -5.13 2.29
N ALA B 83 -12.78 -3.96 2.91
CA ALA B 83 -11.68 -3.02 2.79
C ALA B 83 -11.49 -2.08 3.98
N LEU B 84 -10.23 -1.73 4.24
CA LEU B 84 -9.90 -0.80 5.30
C LEU B 84 -9.12 0.36 4.70
N MET B 85 -9.40 1.55 5.21
CA MET B 85 -8.72 2.76 4.78
C MET B 85 -8.05 3.32 6.02
N ILE B 86 -6.76 3.63 5.92
CA ILE B 86 -6.00 4.27 7.00
C ILE B 86 -5.90 5.66 6.41
N LEU B 87 -6.41 6.66 7.14
CA LEU B 87 -6.38 8.05 6.68
C LEU B 87 -5.31 8.80 7.52
N ASN B 88 -4.49 9.62 6.87
CA ASN B 88 -3.38 10.29 7.57
C ASN B 88 -3.21 11.79 7.30
N SER B 89 -2.53 12.45 8.23
CA SER B 89 -2.23 13.87 8.09
C SER B 89 -0.95 13.92 7.24
N PRO B 90 -0.93 14.72 6.16
CA PRO B 90 0.29 14.79 5.33
C PRO B 90 1.36 15.61 6.02
N GLU B 91 0.95 16.33 7.05
CA GLU B 91 1.81 17.20 7.82
C GLU B 91 2.70 16.47 8.84
N THR B 92 2.07 15.58 9.62
CA THR B 92 2.79 14.81 10.63
C THR B 92 2.87 13.33 10.24
N GLY B 93 2.03 12.91 9.29
CA GLY B 93 2.05 11.52 8.87
C GLY B 93 1.21 10.67 9.82
N PHE B 94 0.68 11.30 10.87
CA PHE B 94 -0.11 10.58 11.86
C PHE B 94 -1.36 9.92 11.25
N PRO B 95 -1.68 8.68 11.65
CA PRO B 95 -2.87 7.98 11.12
C PRO B 95 -4.09 8.43 11.95
N LEU B 96 -4.81 9.39 11.39
CA LEU B 96 -5.95 9.98 12.02
C LEU B 96 -7.10 9.01 12.23
N ALA B 97 -7.28 8.07 11.28
CA ALA B 97 -8.37 7.13 11.38
C ALA B 97 -8.13 5.84 10.59
N VAL B 98 -8.69 4.75 11.08
CA VAL B 98 -8.64 3.47 10.37
C VAL B 98 -10.13 3.21 10.25
N MET B 99 -10.66 3.19 9.03
CA MET B 99 -12.11 3.00 8.88
C MET B 99 -12.48 2.04 7.78
N ASP B 100 -13.70 1.53 7.89
CA ASP B 100 -14.19 0.64 6.86
C ASP B 100 -14.29 1.39 5.55
N ALA B 101 -13.91 0.75 4.46
CA ALA B 101 -13.98 1.33 3.12
C ALA B 101 -14.75 0.35 2.19
N THR B 102 -15.38 -0.68 2.79
CA THR B 102 -16.16 -1.65 2.02
C THR B 102 -17.37 -0.91 1.46
N TYR B 103 -18.14 -0.29 2.36
CA TYR B 103 -19.31 0.49 1.91
C TYR B 103 -18.95 1.68 0.99
N THR B 104 -17.95 2.49 1.34
CA THR B 104 -17.59 3.67 0.53
C THR B 104 -17.05 3.37 -0.85
N THR B 105 -16.34 2.26 -0.99
CA THR B 105 -15.82 1.84 -2.28
C THR B 105 -17.01 1.71 -3.20
N SER B 106 -18.06 1.05 -2.72
CA SER B 106 -19.24 0.93 -3.56
C SER B 106 -19.81 2.33 -3.81
N LEU B 107 -19.91 3.13 -2.74
CA LEU B 107 -20.51 4.47 -2.82
C LEU B 107 -19.81 5.40 -3.81
N ARG B 108 -18.49 5.44 -3.71
CA ARG B 108 -17.69 6.29 -4.57
C ARG B 108 -17.69 5.83 -6.04
N THR B 109 -18.02 4.58 -6.30
CA THR B 109 -18.08 4.04 -7.70
C THR B 109 -19.43 4.46 -8.31
N GLY B 110 -20.47 4.35 -7.51
CA GLY B 110 -21.78 4.79 -8.00
C GLY B 110 -21.66 6.29 -8.26
N ALA B 111 -21.15 7.01 -7.28
CA ALA B 111 -20.95 8.45 -7.40
C ALA B 111 -20.23 8.78 -8.71
N ALA B 112 -19.13 8.10 -8.97
CA ALA B 112 -18.39 8.36 -10.20
C ALA B 112 -19.36 8.17 -11.42
N GLY B 113 -20.03 7.02 -11.46
CA GLY B 113 -20.96 6.75 -12.54
C GLY B 113 -21.92 7.91 -12.65
N GLY B 114 -22.40 8.37 -11.52
CA GLY B 114 -23.33 9.48 -11.53
C GLY B 114 -22.75 10.77 -12.10
N ILE B 115 -21.47 11.05 -11.81
CA ILE B 115 -20.82 12.27 -12.29
C ILE B 115 -20.46 12.15 -13.77
N ALA B 116 -20.00 10.97 -14.15
CA ALA B 116 -19.63 10.74 -15.54
C ALA B 116 -20.86 10.99 -16.42
N ALA B 117 -21.99 10.39 -16.06
CA ALA B 117 -23.22 10.56 -16.82
C ALA B 117 -23.65 12.02 -16.82
N LYS B 118 -23.46 12.70 -15.70
CA LYS B 118 -23.85 14.10 -15.64
C LYS B 118 -23.14 14.94 -16.68
N TYR B 119 -21.92 14.55 -17.04
CA TYR B 119 -21.10 15.29 -18.01
C TYR B 119 -21.11 14.68 -19.41
N LEU B 120 -21.54 13.43 -19.54
CA LEU B 120 -21.49 12.77 -20.81
C LEU B 120 -22.79 12.34 -21.48
N ALA B 121 -23.85 12.12 -20.71
CA ALA B 121 -25.12 11.69 -21.29
C ALA B 121 -25.99 12.84 -21.81
N ARG B 122 -27.00 12.49 -22.61
CA ARG B 122 -27.93 13.47 -23.14
C ARG B 122 -28.58 14.15 -21.95
N LYS B 123 -28.60 15.48 -21.97
CA LYS B 123 -29.20 16.22 -20.87
C LYS B 123 -30.70 15.88 -20.71
N ASN B 124 -31.23 15.15 -21.70
CA ASN B 124 -32.63 14.75 -21.73
C ASN B 124 -32.86 13.29 -21.33
N SER B 125 -31.76 12.59 -21.02
CA SER B 125 -31.85 11.19 -20.63
C SER B 125 -32.97 10.97 -19.64
N SER B 126 -33.65 9.83 -19.81
CA SER B 126 -34.76 9.46 -18.93
C SER B 126 -34.98 7.96 -18.91
N VAL B 127 -34.48 7.25 -19.91
CA VAL B 127 -34.64 5.78 -19.94
C VAL B 127 -33.31 5.14 -19.61
N PHE B 128 -33.27 4.36 -18.53
CA PHE B 128 -32.04 3.74 -18.09
C PHE B 128 -32.15 2.23 -18.09
N GLY B 129 -31.12 1.57 -18.58
CA GLY B 129 -31.10 0.12 -18.62
C GLY B 129 -29.89 -0.41 -17.89
N PHE B 130 -30.05 -1.48 -17.12
CA PHE B 130 -28.95 -2.06 -16.36
C PHE B 130 -28.59 -3.49 -16.73
N ILE B 131 -27.30 -3.74 -16.94
CA ILE B 131 -26.82 -5.07 -17.28
C ILE B 131 -26.03 -5.60 -16.08
N GLY B 132 -26.73 -6.16 -15.10
CA GLY B 132 -26.05 -6.69 -13.92
C GLY B 132 -26.95 -6.90 -12.70
N CYS B 133 -27.53 -5.81 -12.21
CA CYS B 133 -28.43 -5.88 -11.06
C CYS B 133 -27.77 -6.36 -9.75
N GLY B 134 -26.45 -6.46 -9.76
CA GLY B 134 -25.74 -6.84 -8.54
C GLY B 134 -25.54 -5.62 -7.62
N THR B 135 -24.69 -5.74 -6.62
CA THR B 135 -24.47 -4.62 -5.70
C THR B 135 -24.24 -3.28 -6.38
N GLN B 136 -23.27 -3.21 -7.29
CA GLN B 136 -22.97 -1.95 -7.93
C GLN B 136 -24.12 -1.28 -8.68
N ALA B 137 -25.04 -2.07 -9.22
CA ALA B 137 -26.18 -1.52 -9.97
C ALA B 137 -26.95 -0.58 -9.07
N TYR B 138 -27.12 -1.02 -7.84
CA TYR B 138 -27.83 -0.25 -6.84
C TYR B 138 -27.20 1.11 -6.58
N PHE B 139 -25.88 1.18 -6.52
CA PHE B 139 -25.21 2.47 -6.27
C PHE B 139 -25.21 3.38 -7.51
N GLN B 140 -25.09 2.79 -8.71
CA GLN B 140 -25.12 3.61 -9.92
C GLN B 140 -26.53 4.22 -9.99
N LEU B 141 -27.53 3.37 -9.78
CA LEU B 141 -28.92 3.78 -9.82
C LEU B 141 -29.17 4.94 -8.85
N GLU B 142 -28.83 4.72 -7.59
CA GLU B 142 -29.03 5.71 -6.55
C GLU B 142 -28.32 7.03 -6.91
N ALA B 143 -27.14 6.95 -7.52
CA ALA B 143 -26.42 8.16 -7.90
C ALA B 143 -27.04 8.83 -9.13
N LEU B 144 -27.44 8.05 -10.13
CA LEU B 144 -28.09 8.62 -11.32
C LEU B 144 -29.38 9.38 -10.94
N ARG B 145 -30.05 8.93 -9.88
CA ARG B 145 -31.28 9.56 -9.40
C ARG B 145 -31.06 11.00 -8.98
N ARG B 146 -29.85 11.32 -8.50
CA ARG B 146 -29.56 12.69 -8.06
C ARG B 146 -29.24 13.57 -9.27
N VAL B 147 -29.00 12.96 -10.43
CA VAL B 147 -28.66 13.75 -11.60
C VAL B 147 -29.81 13.93 -12.60
N PHE B 148 -30.30 12.84 -13.19
CA PHE B 148 -31.39 12.96 -14.14
C PHE B 148 -32.72 12.49 -13.56
N ASP B 149 -33.81 12.91 -14.19
CA ASP B 149 -35.15 12.54 -13.75
C ASP B 149 -35.60 11.30 -14.52
N ILE B 150 -35.64 10.17 -13.83
CA ILE B 150 -36.04 8.91 -14.47
C ILE B 150 -37.54 8.79 -14.74
N GLY B 151 -37.92 7.74 -15.47
CA GLY B 151 -39.30 7.45 -15.79
C GLY B 151 -39.46 5.94 -15.79
N GLU B 152 -38.69 5.28 -16.65
CA GLU B 152 -38.68 3.82 -16.77
C GLU B 152 -37.24 3.35 -16.57
N VAL B 153 -37.08 2.06 -16.26
CA VAL B 153 -35.77 1.46 -16.04
C VAL B 153 -35.79 0.05 -16.61
N LYS B 154 -34.90 -0.24 -17.56
CA LYS B 154 -34.85 -1.57 -18.16
C LYS B 154 -33.75 -2.39 -17.47
N ALA B 155 -34.12 -3.50 -16.85
CA ALA B 155 -33.15 -4.30 -16.09
C ALA B 155 -33.01 -5.77 -16.44
N TYR B 156 -31.77 -6.19 -16.72
CA TYR B 156 -31.43 -7.59 -17.06
C TYR B 156 -30.25 -8.17 -16.29
N ASP B 157 -30.18 -9.50 -16.24
CA ASP B 157 -29.09 -10.20 -15.56
C ASP B 157 -29.16 -11.72 -15.77
N VAL B 158 -27.99 -12.37 -15.83
CA VAL B 158 -27.92 -13.82 -16.04
C VAL B 158 -28.32 -14.60 -14.78
N ARG B 159 -29.43 -14.18 -14.21
CA ARG B 159 -30.06 -14.72 -13.02
C ARG B 159 -31.38 -13.97 -13.15
N GLU B 160 -32.46 -14.47 -12.59
CA GLU B 160 -33.72 -13.75 -12.75
C GLU B 160 -34.27 -13.07 -11.51
N LYS B 161 -34.11 -13.74 -10.37
CA LYS B 161 -34.59 -13.24 -9.09
C LYS B 161 -33.90 -11.91 -8.76
N ALA B 162 -32.65 -11.76 -9.20
CA ALA B 162 -31.86 -10.55 -8.97
C ALA B 162 -32.47 -9.37 -9.73
N ALA B 163 -32.91 -9.63 -10.96
CA ALA B 163 -33.57 -8.61 -11.76
C ALA B 163 -34.81 -8.24 -10.97
N LYS B 164 -35.31 -9.22 -10.23
CA LYS B 164 -36.48 -9.05 -9.39
C LYS B 164 -36.05 -8.38 -8.09
N LYS B 165 -35.02 -8.92 -7.42
CA LYS B 165 -34.53 -8.32 -6.19
C LYS B 165 -34.33 -6.83 -6.48
N PHE B 166 -33.98 -6.52 -7.72
CA PHE B 166 -33.71 -5.15 -8.18
C PHE B 166 -34.94 -4.37 -8.60
N VAL B 167 -35.71 -4.94 -9.53
CA VAL B 167 -36.91 -4.28 -10.04
C VAL B 167 -37.87 -3.77 -8.96
N SER B 168 -38.17 -4.60 -7.96
CA SER B 168 -39.08 -4.17 -6.92
C SER B 168 -38.44 -3.13 -6.00
N TYR B 169 -37.13 -3.26 -5.77
CA TYR B 169 -36.39 -2.30 -4.96
C TYR B 169 -36.53 -0.98 -5.69
N CYS B 170 -36.43 -1.06 -7.01
CA CYS B 170 -36.52 0.06 -7.93
C CYS B 170 -37.95 0.61 -7.95
N GLU B 171 -38.92 -0.31 -8.01
CA GLU B 171 -40.32 0.10 -8.00
C GLU B 171 -40.63 0.75 -6.64
N ASP B 172 -40.33 0.03 -5.56
CA ASP B 172 -40.57 0.50 -4.21
C ASP B 172 -40.30 1.96 -3.96
N ARG B 173 -39.29 2.55 -4.57
CA ARG B 173 -39.05 3.96 -4.32
C ARG B 173 -39.61 4.90 -5.38
N GLY B 174 -40.27 4.35 -6.40
CA GLY B 174 -40.89 5.24 -7.37
C GLY B 174 -40.49 5.44 -8.82
N ILE B 175 -39.98 4.40 -9.48
CA ILE B 175 -39.63 4.55 -10.89
C ILE B 175 -40.09 3.27 -11.55
N SER B 176 -40.89 3.37 -12.62
CA SER B 176 -41.37 2.14 -13.27
C SER B 176 -40.16 1.34 -13.76
N ALA B 177 -40.04 0.11 -13.27
CA ALA B 177 -38.92 -0.75 -13.63
C ALA B 177 -39.34 -2.17 -13.98
N SER B 178 -38.92 -2.64 -15.15
CA SER B 178 -39.26 -3.98 -15.61
C SER B 178 -38.03 -4.80 -15.97
N VAL B 179 -38.13 -6.12 -15.82
CA VAL B 179 -37.03 -6.99 -16.21
C VAL B 179 -37.13 -7.01 -17.72
N GLN B 180 -35.99 -7.09 -18.42
CA GLN B 180 -35.99 -7.11 -19.88
C GLN B 180 -34.60 -7.52 -20.32
N PRO B 181 -34.43 -8.76 -20.80
CA PRO B 181 -33.14 -9.29 -21.27
C PRO B 181 -32.21 -8.36 -22.04
N ALA B 182 -30.93 -8.76 -22.05
CA ALA B 182 -29.85 -8.03 -22.70
C ALA B 182 -30.29 -7.11 -23.82
N GLU B 183 -30.71 -7.69 -24.95
CA GLU B 183 -31.15 -6.91 -26.11
C GLU B 183 -32.08 -5.75 -25.78
N GLU B 184 -33.05 -6.03 -24.93
CA GLU B 184 -34.05 -5.04 -24.52
C GLU B 184 -33.50 -3.93 -23.62
N ALA B 185 -32.82 -4.34 -22.55
CA ALA B 185 -32.25 -3.38 -21.63
C ALA B 185 -31.26 -2.49 -22.39
N SER B 186 -30.45 -3.12 -23.23
CA SER B 186 -29.41 -2.45 -23.97
C SER B 186 -29.74 -1.14 -24.71
N ARG B 187 -31.03 -0.85 -24.99
CA ARG B 187 -31.32 0.42 -25.64
C ARG B 187 -31.89 1.36 -24.61
N CYS B 188 -31.25 2.51 -24.45
CA CYS B 188 -31.66 3.50 -23.47
C CYS B 188 -30.90 4.77 -23.72
N ASP B 189 -31.07 5.72 -22.80
CA ASP B 189 -30.36 6.98 -22.86
C ASP B 189 -29.05 6.66 -22.15
N VAL B 190 -29.18 5.99 -20.99
CA VAL B 190 -28.03 5.59 -20.21
C VAL B 190 -28.06 4.09 -19.99
N LEU B 191 -26.95 3.43 -20.31
CA LEU B 191 -26.80 2.00 -20.14
C LEU B 191 -25.71 1.89 -19.06
N VAL B 192 -25.96 1.11 -18.01
CA VAL B 192 -25.01 0.97 -16.91
C VAL B 192 -24.55 -0.49 -16.85
N THR B 193 -23.35 -0.77 -17.34
CA THR B 193 -22.86 -2.15 -17.35
C THR B 193 -22.05 -2.48 -16.10
N THR B 194 -22.59 -3.36 -15.28
CA THR B 194 -21.94 -3.71 -14.03
C THR B 194 -21.54 -5.17 -13.81
N THR B 195 -21.19 -5.89 -14.86
CA THR B 195 -20.82 -7.30 -14.70
C THR B 195 -19.32 -7.64 -14.82
N PRO B 196 -18.90 -8.72 -14.14
CA PRO B 196 -17.53 -9.25 -14.10
C PRO B 196 -17.18 -10.18 -15.24
N SER B 197 -17.95 -10.10 -16.31
CA SER B 197 -17.78 -10.92 -17.52
C SER B 197 -16.37 -10.90 -18.14
N ARG B 198 -16.09 -11.80 -19.10
CA ARG B 198 -14.78 -11.87 -19.77
C ARG B 198 -14.87 -11.67 -21.30
N LYS B 199 -16.09 -11.63 -21.85
CA LYS B 199 -16.33 -11.41 -23.29
C LYS B 199 -17.58 -10.55 -23.44
N PRO B 200 -17.62 -9.69 -24.47
CA PRO B 200 -18.79 -8.83 -24.70
C PRO B 200 -20.10 -9.45 -24.23
N VAL B 201 -20.96 -8.62 -23.67
CA VAL B 201 -22.26 -9.07 -23.18
C VAL B 201 -23.25 -8.01 -23.69
N VAL B 202 -22.72 -7.14 -24.53
CA VAL B 202 -23.48 -6.09 -25.18
C VAL B 202 -22.91 -6.07 -26.58
N LYS B 203 -23.78 -6.26 -27.56
CA LYS B 203 -23.40 -6.28 -28.97
C LYS B 203 -23.59 -4.94 -29.66
N ALA B 204 -22.62 -4.55 -30.48
CA ALA B 204 -22.65 -3.28 -31.20
C ALA B 204 -24.06 -2.95 -31.67
N GLU B 205 -24.66 -3.93 -32.34
CA GLU B 205 -26.02 -3.85 -32.89
C GLU B 205 -27.00 -3.27 -31.85
N TRP B 206 -27.19 -4.03 -30.78
CA TRP B 206 -28.09 -3.70 -29.68
C TRP B 206 -28.18 -2.24 -29.22
N VAL B 207 -27.13 -1.46 -29.44
CA VAL B 207 -27.11 -0.08 -28.98
C VAL B 207 -27.48 1.03 -29.95
N GLU B 208 -28.51 1.78 -29.57
CA GLU B 208 -29.01 2.91 -30.36
C GLU B 208 -28.04 4.09 -30.24
N GLU B 209 -28.20 5.07 -31.12
CA GLU B 209 -27.37 6.25 -31.11
C GLU B 209 -27.81 7.12 -29.93
N GLY B 210 -26.95 8.09 -29.56
CA GLY B 210 -27.24 8.99 -28.46
C GLY B 210 -27.19 8.34 -27.10
N THR B 211 -26.59 7.15 -27.03
CA THR B 211 -26.52 6.43 -25.76
C THR B 211 -25.22 6.69 -25.00
N HIS B 212 -25.36 6.96 -23.70
CA HIS B 212 -24.18 7.12 -22.85
C HIS B 212 -24.09 5.83 -22.07
N ILE B 213 -22.90 5.23 -22.03
CA ILE B 213 -22.71 3.98 -21.32
C ILE B 213 -21.72 4.06 -20.14
N ASN B 214 -22.13 3.55 -18.98
CA ASN B 214 -21.25 3.50 -17.82
C ASN B 214 -20.66 2.10 -17.85
N ALA B 215 -19.43 1.97 -18.31
CA ALA B 215 -18.79 0.66 -18.34
C ALA B 215 -18.06 0.46 -17.02
N ILE B 216 -18.83 0.05 -16.00
CA ILE B 216 -18.32 -0.13 -14.63
C ILE B 216 -17.68 -1.46 -14.24
N GLY B 217 -18.10 -2.56 -14.87
CA GLY B 217 -17.56 -3.89 -14.54
C GLY B 217 -16.09 -4.23 -14.81
N ALA B 218 -15.60 -4.01 -16.03
CA ALA B 218 -14.22 -4.32 -16.40
C ALA B 218 -13.27 -3.77 -15.34
N ASP B 219 -12.83 -4.71 -14.51
CA ASP B 219 -11.95 -4.48 -13.38
C ASP B 219 -10.49 -5.00 -13.44
N GLY B 220 -10.20 -5.85 -14.43
CA GLY B 220 -8.85 -6.39 -14.58
C GLY B 220 -8.43 -6.80 -16.00
N PRO B 221 -7.18 -7.22 -16.20
CA PRO B 221 -6.66 -7.65 -17.52
C PRO B 221 -7.58 -8.53 -18.38
N GLY B 222 -8.25 -9.49 -17.75
CA GLY B 222 -9.14 -10.36 -18.46
C GLY B 222 -10.40 -9.77 -19.10
N LYS B 223 -11.34 -9.28 -18.29
CA LYS B 223 -12.66 -8.82 -18.76
C LYS B 223 -12.90 -7.57 -19.56
N GLN B 224 -14.05 -7.63 -20.21
CA GLN B 224 -14.64 -6.63 -21.08
C GLN B 224 -16.15 -6.88 -20.95
N GLU B 225 -16.94 -5.89 -21.30
CA GLU B 225 -18.38 -6.03 -21.22
C GLU B 225 -19.00 -5.60 -22.51
N LEU B 226 -18.29 -4.75 -23.25
CA LEU B 226 -18.81 -4.25 -24.50
C LEU B 226 -18.19 -4.88 -25.74
N ASP B 227 -18.97 -4.94 -26.81
CA ASP B 227 -18.52 -5.46 -28.09
C ASP B 227 -17.52 -4.43 -28.61
N VAL B 228 -16.26 -4.83 -28.72
CA VAL B 228 -15.21 -3.94 -29.19
C VAL B 228 -15.69 -2.90 -30.21
N GLU B 229 -16.62 -3.28 -31.08
CA GLU B 229 -17.10 -2.36 -32.09
C GLU B 229 -17.72 -1.13 -31.45
N ILE B 230 -18.50 -1.31 -30.39
CA ILE B 230 -19.09 -0.17 -29.75
C ILE B 230 -17.96 0.80 -29.44
N LEU B 231 -16.79 0.26 -29.08
CA LEU B 231 -15.69 1.14 -28.79
C LEU B 231 -15.30 1.95 -30.03
N LYS B 232 -15.03 1.29 -31.15
CA LYS B 232 -14.63 2.00 -32.36
C LYS B 232 -15.58 3.14 -32.75
N LYS B 233 -16.81 3.07 -32.25
CA LYS B 233 -17.80 4.09 -32.59
C LYS B 233 -18.18 5.08 -31.49
N ALA B 234 -17.48 5.10 -30.36
CA ALA B 234 -17.90 6.02 -29.29
C ALA B 234 -16.91 7.04 -28.70
N LYS B 235 -17.48 8.00 -27.96
CA LYS B 235 -16.72 9.04 -27.24
C LYS B 235 -16.21 8.20 -26.10
N ILE B 236 -14.93 7.85 -26.09
CA ILE B 236 -14.44 7.04 -24.97
C ILE B 236 -13.74 7.90 -23.92
N VAL B 237 -14.35 7.94 -22.74
CA VAL B 237 -13.82 8.74 -21.64
C VAL B 237 -13.39 7.88 -20.47
N VAL B 238 -12.11 7.93 -20.13
CA VAL B 238 -11.59 7.12 -19.04
C VAL B 238 -11.43 7.76 -17.66
N ASP B 239 -11.18 6.86 -16.71
CA ASP B 239 -10.93 7.06 -15.29
C ASP B 239 -9.54 7.63 -15.17
N ASP B 240 -8.63 6.73 -15.47
CA ASP B 240 -7.22 6.98 -15.49
C ASP B 240 -6.80 6.14 -16.70
N LEU B 241 -6.11 6.75 -17.65
CA LEU B 241 -5.71 6.06 -18.86
C LEU B 241 -4.90 4.82 -18.57
N GLU B 242 -3.84 4.99 -17.79
CA GLU B 242 -2.98 3.86 -17.47
C GLU B 242 -3.76 2.66 -16.92
N GLN B 243 -4.64 2.89 -15.94
CA GLN B 243 -5.44 1.79 -15.35
C GLN B 243 -6.47 1.14 -16.27
N ALA B 244 -7.04 1.88 -17.22
CA ALA B 244 -8.06 1.28 -18.09
C ALA B 244 -7.45 0.42 -19.18
N LYS B 245 -6.37 0.89 -19.80
CA LYS B 245 -5.76 0.10 -20.86
C LYS B 245 -5.11 -1.14 -20.23
N HIS B 246 -5.09 -1.18 -18.91
CA HIS B 246 -4.52 -2.29 -18.15
C HIS B 246 -5.62 -3.27 -17.73
N GLY B 247 -6.73 -2.76 -17.22
CA GLY B 247 -7.80 -3.63 -16.81
C GLY B 247 -9.22 -3.08 -16.91
N GLY B 248 -9.37 -1.90 -17.51
CA GLY B 248 -10.70 -1.34 -17.66
C GLY B 248 -11.35 -1.86 -18.93
N GLU B 249 -12.40 -1.19 -19.39
CA GLU B 249 -13.10 -1.62 -20.59
C GLU B 249 -12.25 -1.64 -21.85
N ILE B 250 -11.25 -0.78 -21.93
CA ILE B 250 -10.44 -0.73 -23.13
C ILE B 250 -9.17 -1.63 -23.18
N ASN B 251 -8.85 -2.30 -22.08
CA ASN B 251 -7.62 -3.11 -21.99
C ASN B 251 -7.44 -4.24 -23.03
N VAL B 252 -8.54 -4.89 -23.44
CA VAL B 252 -8.49 -5.96 -24.43
C VAL B 252 -8.18 -5.36 -25.81
N ALA B 253 -9.11 -4.56 -26.32
CA ALA B 253 -8.98 -3.90 -27.62
C ALA B 253 -7.64 -3.22 -27.74
N VAL B 254 -7.10 -2.74 -26.62
CA VAL B 254 -5.80 -2.09 -26.62
C VAL B 254 -4.70 -3.16 -26.68
N SER B 255 -4.89 -4.24 -25.93
CA SER B 255 -3.92 -5.33 -25.88
C SER B 255 -3.92 -6.07 -27.23
N LYS B 256 -5.08 -6.18 -27.85
CA LYS B 256 -5.15 -6.83 -29.14
C LYS B 256 -4.60 -5.87 -30.18
N GLY B 257 -4.50 -4.58 -29.83
CA GLY B 257 -3.98 -3.59 -30.75
C GLY B 257 -5.01 -2.84 -31.59
N VAL B 258 -6.29 -3.15 -31.39
CA VAL B 258 -7.36 -2.50 -32.14
C VAL B 258 -7.48 -0.99 -31.85
N ILE B 259 -7.43 -0.61 -30.58
CA ILE B 259 -7.49 0.80 -30.19
C ILE B 259 -6.26 1.15 -29.36
N GLY B 260 -5.91 2.42 -29.37
CA GLY B 260 -4.76 2.86 -28.62
C GLY B 260 -5.00 4.25 -28.06
N VAL B 261 -3.95 4.83 -27.50
CA VAL B 261 -4.04 6.15 -26.91
C VAL B 261 -4.92 7.06 -27.75
N GLU B 262 -4.49 7.32 -28.98
CA GLU B 262 -5.20 8.21 -29.89
C GLU B 262 -6.72 8.02 -29.90
N ASP B 263 -7.20 6.84 -29.53
CA ASP B 263 -8.62 6.56 -29.58
C ASP B 263 -9.45 6.95 -28.37
N VAL B 264 -8.77 7.20 -27.26
CA VAL B 264 -9.43 7.60 -26.02
C VAL B 264 -9.64 9.10 -26.07
N HIS B 265 -10.88 9.54 -25.93
CA HIS B 265 -11.18 10.97 -26.03
C HIS B 265 -10.59 11.77 -24.89
N ALA B 266 -10.81 11.30 -23.67
CA ALA B 266 -10.29 12.00 -22.52
C ALA B 266 -10.42 11.24 -21.21
N THR B 267 -9.92 11.91 -20.19
CA THR B 267 -9.95 11.46 -18.82
C THR B 267 -11.23 12.15 -18.31
N ILE B 268 -12.00 11.54 -17.42
CA ILE B 268 -13.22 12.19 -16.91
C ILE B 268 -12.83 13.46 -16.13
N GLY B 269 -11.68 13.44 -15.47
CA GLY B 269 -11.24 14.62 -14.75
C GLY B 269 -10.98 15.75 -15.76
N GLU B 270 -10.52 15.38 -16.94
CA GLU B 270 -10.26 16.36 -17.99
C GLU B 270 -11.53 17.06 -18.51
N VAL B 271 -12.63 16.34 -18.57
CA VAL B 271 -13.87 16.93 -19.02
C VAL B 271 -14.35 17.88 -17.93
N ILE B 272 -14.38 17.40 -16.70
CA ILE B 272 -14.80 18.22 -15.58
C ILE B 272 -14.01 19.52 -15.47
N ALA B 273 -12.69 19.44 -15.55
CA ALA B 273 -11.85 20.64 -15.48
C ALA B 273 -11.94 21.39 -16.78
N GLY B 274 -12.68 20.85 -17.74
CA GLY B 274 -12.84 21.51 -19.03
C GLY B 274 -11.60 21.57 -19.90
N LEU B 275 -10.71 20.58 -19.79
CA LEU B 275 -9.51 20.56 -20.59
C LEU B 275 -9.80 19.76 -21.86
N LYS B 276 -10.98 19.11 -21.88
CA LYS B 276 -11.48 18.27 -22.98
C LYS B 276 -13.01 18.37 -22.98
N ASP B 277 -13.63 18.36 -24.16
CA ASP B 277 -15.09 18.46 -24.18
C ASP B 277 -15.79 17.13 -23.98
N GLY B 278 -17.09 17.20 -23.72
CA GLY B 278 -17.89 16.00 -23.53
C GLY B 278 -18.80 15.76 -24.71
N ARG B 279 -20.07 15.47 -24.47
CA ARG B 279 -21.02 15.23 -25.56
C ARG B 279 -21.02 16.51 -26.41
N GLU B 280 -21.10 16.35 -27.73
CA GLU B 280 -21.11 17.47 -28.64
C GLU B 280 -22.07 17.19 -29.79
N SER B 281 -22.83 16.11 -29.64
CA SER B 281 -23.82 15.67 -30.62
C SER B 281 -24.88 14.84 -29.91
N ASP B 282 -26.14 14.99 -30.33
CA ASP B 282 -27.22 14.22 -29.71
C ASP B 282 -27.09 12.75 -30.14
N GLU B 283 -26.48 12.53 -31.30
CA GLU B 283 -26.32 11.19 -31.86
C GLU B 283 -25.19 10.38 -31.25
N GLU B 284 -23.98 10.92 -31.25
CA GLU B 284 -22.82 10.19 -30.74
C GLU B 284 -23.03 9.32 -29.50
N ILE B 285 -22.28 8.22 -29.43
CA ILE B 285 -22.33 7.31 -28.30
C ILE B 285 -21.18 7.71 -27.37
N THR B 286 -21.41 7.73 -26.07
CA THR B 286 -20.35 8.08 -25.12
C THR B 286 -20.22 7.03 -24.05
N ILE B 287 -18.98 6.66 -23.77
CA ILE B 287 -18.67 5.66 -22.77
C ILE B 287 -17.71 6.17 -21.71
N PHE B 288 -18.05 5.91 -20.45
CA PHE B 288 -17.21 6.24 -19.32
C PHE B 288 -16.61 4.91 -18.86
N ASP B 289 -15.31 4.75 -19.05
CA ASP B 289 -14.63 3.53 -18.65
C ASP B 289 -14.11 3.76 -17.23
N SER B 290 -14.74 3.08 -16.28
CA SER B 290 -14.39 3.19 -14.86
C SER B 290 -13.63 2.00 -14.29
N THR B 291 -12.51 2.29 -13.63
CA THR B 291 -11.64 1.31 -13.01
C THR B 291 -11.52 1.52 -11.51
N GLY B 292 -11.84 2.72 -11.04
CA GLY B 292 -11.74 2.98 -9.62
C GLY B 292 -10.39 3.53 -9.18
N LEU B 293 -10.41 4.78 -8.71
CA LEU B 293 -9.21 5.48 -8.27
C LEU B 293 -9.08 5.65 -6.75
N ALA B 294 -7.86 5.60 -6.25
CA ALA B 294 -7.56 5.81 -4.85
C ALA B 294 -7.99 7.19 -4.43
N ILE B 295 -7.82 8.17 -5.32
CA ILE B 295 -8.17 9.55 -5.01
C ILE B 295 -9.66 9.66 -4.67
N GLN B 296 -10.49 8.77 -5.22
CA GLN B 296 -11.91 8.78 -4.91
C GLN B 296 -12.08 8.27 -3.45
N ASP B 297 -11.29 7.25 -3.09
CA ASP B 297 -11.36 6.67 -1.74
C ASP B 297 -10.86 7.62 -0.67
N VAL B 298 -9.80 8.37 -0.96
CA VAL B 298 -9.31 9.31 0.02
C VAL B 298 -10.24 10.49 0.11
N ALA B 299 -10.73 10.97 -1.03
CA ALA B 299 -11.65 12.11 -1.04
C ALA B 299 -12.91 11.80 -0.25
N VAL B 300 -13.35 10.56 -0.29
CA VAL B 300 -14.56 10.17 0.42
C VAL B 300 -14.24 9.95 1.91
N ALA B 301 -13.05 9.44 2.20
CA ALA B 301 -12.63 9.23 3.61
C ALA B 301 -12.52 10.58 4.36
N LYS B 302 -12.13 11.61 3.65
CA LYS B 302 -12.03 12.93 4.28
C LYS B 302 -13.42 13.36 4.76
N VAL B 303 -14.42 13.17 3.89
CA VAL B 303 -15.78 13.54 4.29
C VAL B 303 -16.25 12.72 5.47
N VAL B 304 -16.00 11.40 5.46
CA VAL B 304 -16.42 10.56 6.57
C VAL B 304 -15.71 11.04 7.83
N TYR B 305 -14.39 11.24 7.73
CA TYR B 305 -13.60 11.67 8.87
C TYR B 305 -14.10 12.97 9.49
N GLU B 306 -14.32 14.00 8.66
CA GLU B 306 -14.76 15.28 9.21
C GLU B 306 -16.16 15.19 9.80
N ASN B 307 -17.06 14.45 9.16
CA ASN B 307 -18.40 14.32 9.71
C ASN B 307 -18.34 13.55 11.05
N ALA B 308 -17.44 12.58 11.15
CA ALA B 308 -17.28 11.81 12.36
C ALA B 308 -16.79 12.75 13.47
N LEU B 309 -15.79 13.58 13.20
CA LEU B 309 -15.34 14.50 14.22
C LEU B 309 -16.51 15.40 14.62
N SER B 310 -17.26 15.91 13.64
CA SER B 310 -18.38 16.80 13.90
C SER B 310 -19.56 16.22 14.70
N LYS B 311 -19.84 14.93 14.54
CA LYS B 311 -20.95 14.31 15.26
C LYS B 311 -20.48 13.46 16.43
N ASN B 312 -19.19 13.51 16.73
CA ASN B 312 -18.65 12.73 17.82
C ASN B 312 -18.87 11.23 17.67
N VAL B 313 -18.66 10.70 16.46
CA VAL B 313 -18.81 9.27 16.27
C VAL B 313 -17.47 8.52 16.15
N GLY B 314 -17.45 7.29 16.63
CA GLY B 314 -16.27 6.46 16.56
C GLY B 314 -15.59 6.19 17.88
N SER B 315 -14.79 5.12 17.89
CA SER B 315 -14.05 4.78 19.08
C SER B 315 -12.60 5.21 18.84
N LYS B 316 -11.76 5.12 19.87
CA LYS B 316 -10.38 5.53 19.73
C LYS B 316 -9.38 4.53 20.31
N ILE B 317 -8.22 4.47 19.65
CA ILE B 317 -7.11 3.62 20.05
C ILE B 317 -5.81 4.45 20.10
N LYS B 318 -5.00 4.24 21.12
CA LYS B 318 -3.74 4.93 21.19
C LYS B 318 -2.70 3.91 20.72
N PHE B 319 -2.42 3.87 19.42
CA PHE B 319 -1.47 2.92 18.87
C PHE B 319 -0.03 3.07 19.33
N PHE B 320 0.37 4.27 19.66
CA PHE B 320 1.75 4.50 20.04
C PHE B 320 1.98 5.01 21.46
#